data_6MCY
#
_entry.id   6MCY
#
_cell.length_a   36.951
_cell.length_b   59.261
_cell.length_c   79.207
_cell.angle_alpha   93.14
_cell.angle_beta   93.35
_cell.angle_gamma   97.63
#
_symmetry.space_group_name_H-M   'P 1'
#
loop_
_entity.id
_entity.type
_entity.pdbx_description
1 polymer 'Bcl-2 homologous antagonist/killer'
2 non-polymer 'FORMIC ACID'
3 non-polymer 1,2-ETHANEDIOL
4 water water
#
_entity_poly.entity_id   1
_entity_poly.type   'polypeptide(L)'
_entity_poly.pdbx_seq_one_letter_code
;GPLGSSEQQVAQDTEEVFRSYVFYLHQQEQETQGAAAPANPEMDNLPLEPNSILGQVGRQLALIGDDINRRYDTEFQNLL
EQLQPTAGNAYELFTKIASSLFKSGISWGRVVALLGFGYRLALYVYQRGLTGFLGQVTSFLADIILHHYIARWIAQRGGW
VAALNFRRD
;
_entity_poly.pdbx_strand_id   A,B,C,D
#
loop_
_chem_comp.id
_chem_comp.type
_chem_comp.name
_chem_comp.formula
EDO non-polymer 1,2-ETHANEDIOL 'C2 H6 O2'
FMT non-polymer 'FORMIC ACID' 'C H2 O2'
#
# COMPACT_ATOMS: atom_id res chain seq x y z
N GLY A 1 27.77 -24.47 -44.34
CA GLY A 1 27.23 -25.80 -44.51
C GLY A 1 25.80 -25.96 -44.02
N PRO A 2 25.62 -26.50 -42.82
CA PRO A 2 24.24 -26.69 -42.31
C PRO A 2 23.56 -25.39 -41.91
N LEU A 3 24.32 -24.34 -41.56
CA LEU A 3 23.75 -23.09 -41.10
C LEU A 3 23.97 -21.97 -42.11
N GLY A 4 22.96 -21.12 -42.28
CA GLY A 4 23.14 -19.87 -42.99
C GLY A 4 24.04 -18.93 -42.21
N SER A 5 24.64 -17.96 -42.90
CA SER A 5 25.52 -17.02 -42.20
C SER A 5 24.75 -16.21 -41.16
N SER A 6 23.62 -15.62 -41.56
N SER A 6 23.61 -15.63 -41.55
CA SER A 6 22.80 -14.89 -40.60
CA SER A 6 22.79 -14.88 -40.61
C SER A 6 22.05 -15.84 -39.67
C SER A 6 22.02 -15.83 -39.68
N GLU A 7 21.53 -16.95 -40.19
CA GLU A 7 20.94 -17.96 -39.31
C GLU A 7 21.92 -18.33 -38.20
N GLN A 8 23.18 -18.55 -38.55
CA GLN A 8 24.16 -18.92 -37.54
C GLN A 8 24.37 -17.78 -36.53
N GLN A 9 24.43 -16.54 -37.01
CA GLN A 9 24.60 -15.42 -36.11
C GLN A 9 23.41 -15.32 -35.15
N VAL A 10 22.20 -15.49 -35.67
CA VAL A 10 21.01 -15.43 -34.84
C VAL A 10 21.07 -16.49 -33.75
N ALA A 11 21.47 -17.72 -34.13
CA ALA A 11 21.55 -18.79 -33.15
C ALA A 11 22.59 -18.51 -32.07
N GLN A 12 23.73 -17.92 -32.46
CA GLN A 12 24.75 -17.58 -31.47
C GLN A 12 24.31 -16.43 -30.57
N ASP A 13 23.44 -15.56 -31.07
CA ASP A 13 22.96 -14.40 -30.30
C ASP A 13 21.90 -14.76 -29.26
N THR A 14 21.24 -15.91 -29.42
CA THR A 14 20.12 -16.26 -28.54
C THR A 14 20.51 -16.23 -27.08
N GLU A 15 21.68 -16.77 -26.74
CA GLU A 15 22.10 -16.80 -25.34
C GLU A 15 22.05 -15.40 -24.72
N GLU A 16 22.63 -14.40 -25.39
CA GLU A 16 22.63 -13.05 -24.82
C GLU A 16 21.23 -12.46 -24.77
N VAL A 17 20.42 -12.72 -25.80
CA VAL A 17 19.04 -12.22 -25.80
C VAL A 17 18.27 -12.78 -24.61
N PHE A 18 18.39 -14.10 -24.38
CA PHE A 18 17.64 -14.71 -23.28
C PHE A 18 18.17 -14.24 -21.92
N ARG A 19 19.49 -14.15 -21.77
N ARG A 19 19.50 -14.17 -21.77
CA ARG A 19 20.02 -13.66 -20.50
CA ARG A 19 20.07 -13.64 -20.54
C ARG A 19 19.53 -12.24 -20.23
C ARG A 19 19.49 -12.26 -20.25
N SER A 20 19.44 -11.43 -21.27
CA SER A 20 18.91 -10.08 -21.09
C SER A 20 17.42 -10.10 -20.79
N TYR A 21 16.65 -10.88 -21.56
CA TYR A 21 15.24 -11.05 -21.28
C TYR A 21 14.99 -11.42 -19.83
N VAL A 22 15.73 -12.42 -19.35
CA VAL A 22 15.56 -12.88 -17.96
C VAL A 22 15.89 -11.76 -16.99
N PHE A 23 17.02 -11.08 -17.18
CA PHE A 23 17.39 -10.03 -16.24
C PHE A 23 16.33 -8.93 -16.20
N TYR A 24 15.88 -8.47 -17.37
CA TYR A 24 14.97 -7.33 -17.37
C TYR A 24 13.56 -7.69 -16.94
N LEU A 25 13.08 -8.89 -17.30
CA LEU A 25 11.76 -9.32 -16.83
C LEU A 25 11.76 -9.43 -15.30
N HIS A 26 12.80 -10.03 -14.75
CA HIS A 26 12.90 -10.17 -13.30
C HIS A 26 13.00 -8.81 -12.62
N GLN A 27 13.79 -7.90 -13.20
CA GLN A 27 13.92 -6.56 -12.64
C GLN A 27 12.58 -5.81 -12.72
N GLN A 28 11.86 -5.97 -13.84
CA GLN A 28 10.53 -5.33 -13.98
C GLN A 28 9.56 -5.84 -12.91
N GLU A 29 9.56 -7.15 -12.65
CA GLU A 29 8.70 -7.69 -11.59
C GLU A 29 9.06 -7.09 -10.24
N GLN A 30 10.36 -6.95 -9.95
CA GLN A 30 10.78 -6.31 -8.70
C GLN A 30 10.34 -4.86 -8.64
N GLU A 31 10.51 -4.13 -9.74
CA GLU A 31 10.17 -2.72 -9.71
C GLU A 31 8.68 -2.49 -9.53
N THR A 32 7.84 -3.40 -10.01
CA THR A 32 6.41 -3.20 -9.91
C THR A 32 5.79 -3.87 -8.69
N GLN A 33 6.30 -5.04 -8.32
CA GLN A 33 5.72 -5.82 -7.24
C GLN A 33 6.53 -5.76 -5.95
N GLY A 34 7.76 -5.28 -6.02
CA GLY A 34 8.61 -5.20 -4.84
C GLY A 34 8.82 -6.58 -4.22
N ALA A 35 8.75 -6.64 -2.89
CA ALA A 35 8.97 -7.89 -2.18
C ALA A 35 7.93 -8.95 -2.51
N ALA A 36 6.80 -8.56 -3.11
CA ALA A 36 5.82 -9.54 -3.53
C ALA A 36 6.23 -10.29 -4.79
N ALA A 37 7.29 -9.85 -5.46
CA ALA A 37 7.77 -10.54 -6.64
C ALA A 37 8.49 -11.81 -6.23
N PRO A 38 8.34 -12.90 -6.97
CA PRO A 38 9.09 -14.13 -6.64
C PRO A 38 10.59 -13.87 -6.65
N ALA A 39 11.23 -14.12 -5.52
CA ALA A 39 12.66 -13.90 -5.38
C ALA A 39 13.48 -14.93 -6.16
N ASN A 40 14.60 -14.48 -6.70
CA ASN A 40 15.58 -15.39 -7.28
C ASN A 40 16.90 -14.66 -7.46
N PRO A 41 17.80 -14.73 -6.48
CA PRO A 41 19.08 -14.01 -6.59
C PRO A 41 19.89 -14.38 -7.82
N GLU A 42 19.75 -15.61 -8.34
CA GLU A 42 20.50 -15.94 -9.55
C GLU A 42 20.11 -15.03 -10.71
N MET A 43 18.86 -14.58 -10.75
CA MET A 43 18.41 -13.69 -11.81
C MET A 43 18.73 -12.23 -11.53
N ASP A 44 19.08 -11.88 -10.28
CA ASP A 44 19.54 -10.54 -9.95
C ASP A 44 21.00 -10.36 -10.36
N ASN A 45 21.78 -11.43 -10.24
CA ASN A 45 23.23 -11.41 -10.52
C ASN A 45 23.52 -11.83 -11.95
N LEU A 46 22.81 -11.23 -12.90
CA LEU A 46 23.13 -11.46 -14.30
C LEU A 46 23.86 -10.25 -14.86
N PRO A 47 25.19 -10.31 -15.02
CA PRO A 47 25.91 -9.17 -15.61
C PRO A 47 25.67 -9.12 -17.12
N LEU A 48 25.26 -7.96 -17.63
CA LEU A 48 24.95 -7.76 -19.02
C LEU A 48 26.02 -6.88 -19.68
N GLU A 49 26.16 -7.04 -21.00
CA GLU A 49 26.93 -6.11 -21.80
C GLU A 49 26.41 -4.68 -21.58
N PRO A 50 27.25 -3.67 -21.79
CA PRO A 50 26.75 -2.29 -21.62
C PRO A 50 25.89 -1.83 -22.78
N ASN A 51 24.55 -1.87 -22.61
CA ASN A 51 23.61 -1.27 -23.56
C ASN A 51 23.80 -1.81 -24.98
N SER A 52 24.08 -3.09 -25.11
CA SER A 52 24.21 -3.70 -26.44
C SER A 52 22.86 -3.82 -27.15
N ILE A 53 22.92 -3.97 -28.47
CA ILE A 53 21.70 -4.14 -29.26
C ILE A 53 20.93 -5.38 -28.79
N LEU A 54 21.63 -6.50 -28.59
CA LEU A 54 20.94 -7.70 -28.14
C LEU A 54 20.38 -7.51 -26.74
N GLY A 55 21.07 -6.75 -25.90
CA GLY A 55 20.51 -6.40 -24.60
C GLY A 55 19.21 -5.62 -24.74
N GLN A 56 19.16 -4.65 -25.66
N GLN A 56 19.19 -4.63 -25.65
CA GLN A 56 17.93 -3.90 -25.82
CA GLN A 56 17.97 -3.87 -25.91
C GLN A 56 16.82 -4.76 -26.43
C GLN A 56 16.85 -4.79 -26.39
N VAL A 57 17.18 -5.76 -27.23
CA VAL A 57 16.16 -6.69 -27.73
C VAL A 57 15.56 -7.48 -26.58
N GLY A 58 16.41 -8.04 -25.73
CA GLY A 58 15.94 -8.77 -24.57
C GLY A 58 15.03 -7.93 -23.69
N ARG A 59 15.42 -6.67 -23.44
CA ARG A 59 14.61 -5.78 -22.62
C ARG A 59 13.23 -5.56 -23.25
N GLN A 60 13.19 -5.33 -24.57
N GLN A 60 13.19 -5.33 -24.57
CA GLN A 60 11.91 -5.04 -25.21
CA GLN A 60 11.93 -5.03 -25.24
C GLN A 60 11.03 -6.27 -25.26
C GLN A 60 11.03 -6.26 -25.29
N LEU A 61 11.62 -7.44 -25.55
CA LEU A 61 10.84 -8.67 -25.55
C LEU A 61 10.31 -8.98 -24.15
N ALA A 62 11.05 -8.62 -23.10
CA ALA A 62 10.57 -8.80 -21.74
C ALA A 62 9.40 -7.87 -21.44
N LEU A 63 9.48 -6.61 -21.87
CA LEU A 63 8.38 -5.68 -21.67
C LEU A 63 7.13 -6.21 -22.38
N ILE A 64 7.30 -6.72 -23.59
CA ILE A 64 6.16 -7.28 -24.33
C ILE A 64 5.67 -8.56 -23.67
N GLY A 65 6.59 -9.42 -23.26
CA GLY A 65 6.19 -10.72 -22.72
C GLY A 65 5.43 -10.60 -21.41
N ASP A 66 5.80 -9.64 -20.57
CA ASP A 66 5.08 -9.43 -19.33
C ASP A 66 3.59 -9.33 -19.60
N ASP A 67 3.23 -8.69 -20.72
CA ASP A 67 1.84 -8.51 -21.13
C ASP A 67 1.28 -9.76 -21.80
N ILE A 68 1.83 -10.13 -22.97
CA ILE A 68 1.19 -11.14 -23.80
C ILE A 68 1.41 -12.56 -23.35
N ASN A 69 2.31 -12.81 -22.39
CA ASN A 69 2.51 -14.16 -21.87
C ASN A 69 1.60 -14.53 -20.72
N ARG A 70 0.87 -13.58 -20.13
CA ARG A 70 -0.10 -13.93 -19.10
C ARG A 70 -1.12 -14.93 -19.61
N ARG A 71 -1.39 -14.94 -20.92
CA ARG A 71 -2.37 -15.89 -21.44
C ARG A 71 -1.85 -17.32 -21.40
N TYR A 72 -0.53 -17.51 -21.27
CA TYR A 72 0.05 -18.85 -21.24
C TYR A 72 0.34 -19.34 -19.84
N ASP A 73 0.03 -18.54 -18.82
CA ASP A 73 0.44 -18.92 -17.46
C ASP A 73 -0.09 -20.28 -17.07
N THR A 74 -1.39 -20.53 -17.26
CA THR A 74 -1.93 -21.82 -16.82
C THR A 74 -1.29 -22.97 -17.58
N GLU A 75 -1.13 -22.83 -18.89
CA GLU A 75 -0.49 -23.88 -19.68
C GLU A 75 0.93 -24.13 -19.20
N PHE A 76 1.69 -23.05 -18.96
CA PHE A 76 3.08 -23.19 -18.51
C PHE A 76 3.14 -23.85 -17.14
N GLN A 77 2.34 -23.36 -16.19
CA GLN A 77 2.38 -23.92 -14.84
C GLN A 77 1.94 -25.39 -14.83
N ASN A 78 0.91 -25.74 -15.62
CA ASN A 78 0.47 -27.13 -15.66
C ASN A 78 1.57 -28.05 -16.19
N LEU A 79 2.33 -27.59 -17.19
CA LEU A 79 3.43 -28.40 -17.71
C LEU A 79 4.56 -28.50 -16.70
N LEU A 80 4.84 -27.41 -15.96
CA LEU A 80 5.93 -27.47 -15.00
C LEU A 80 5.66 -28.49 -13.89
N GLU A 81 4.40 -28.88 -13.67
CA GLU A 81 4.10 -29.91 -12.69
C GLU A 81 4.80 -31.23 -13.01
N GLN A 82 5.10 -31.46 -14.28
CA GLN A 82 5.76 -32.68 -14.74
C GLN A 82 7.27 -32.66 -14.53
N LEU A 83 7.81 -31.56 -14.02
CA LEU A 83 9.25 -31.47 -13.83
C LEU A 83 9.69 -32.45 -12.74
N GLN A 84 10.63 -33.32 -13.08
CA GLN A 84 11.19 -34.27 -12.12
C GLN A 84 11.99 -33.56 -11.03
N PRO A 85 12.10 -34.19 -9.86
CA PRO A 85 12.82 -33.55 -8.73
C PRO A 85 14.23 -33.11 -9.08
N THR A 86 14.92 -33.86 -9.94
CA THR A 86 16.27 -33.50 -10.38
C THR A 86 16.26 -32.47 -11.52
N ALA A 87 15.10 -32.15 -12.08
CA ALA A 87 15.01 -31.31 -13.27
C ALA A 87 15.57 -32.04 -14.50
N GLY A 88 15.71 -33.38 -14.41
CA GLY A 88 16.33 -34.12 -15.50
C GLY A 88 15.56 -34.06 -16.81
N ASN A 89 14.24 -33.85 -16.75
CA ASN A 89 13.43 -33.76 -17.96
C ASN A 89 13.15 -32.32 -18.37
N ALA A 90 13.95 -31.36 -17.88
CA ALA A 90 13.70 -29.96 -18.21
C ALA A 90 13.77 -29.73 -19.72
N TYR A 91 14.79 -30.30 -20.37
CA TYR A 91 14.88 -30.13 -21.82
C TYR A 91 13.66 -30.71 -22.53
N GLU A 92 13.24 -31.90 -22.13
CA GLU A 92 12.06 -32.52 -22.74
C GLU A 92 10.82 -31.64 -22.60
N LEU A 93 10.61 -31.04 -21.42
CA LEU A 93 9.44 -30.16 -21.27
C LEU A 93 9.56 -28.94 -22.16
N PHE A 94 10.76 -28.36 -22.25
CA PHE A 94 10.98 -27.22 -23.11
C PHE A 94 10.67 -27.56 -24.57
N THR A 95 11.07 -28.74 -25.03
N THR A 95 11.10 -28.74 -25.02
CA THR A 95 10.78 -29.11 -26.40
CA THR A 95 10.79 -29.20 -26.36
C THR A 95 9.30 -29.43 -26.61
C THR A 95 9.29 -29.33 -26.57
N LYS A 96 8.61 -29.89 -25.57
CA LYS A 96 7.17 -30.07 -25.68
C LYS A 96 6.48 -28.72 -25.84
N ILE A 97 6.95 -27.70 -25.12
CA ILE A 97 6.33 -26.39 -25.22
C ILE A 97 6.58 -25.80 -26.60
N ALA A 98 7.82 -25.89 -27.09
CA ALA A 98 8.12 -25.40 -28.43
C ALA A 98 7.26 -26.09 -29.48
N SER A 99 7.10 -27.41 -29.37
CA SER A 99 6.26 -28.12 -30.34
C SER A 99 4.85 -27.57 -30.34
N SER A 100 4.30 -27.26 -29.16
CA SER A 100 2.94 -26.73 -29.07
C SER A 100 2.86 -25.28 -29.55
N LEU A 101 3.85 -24.45 -29.22
CA LEU A 101 3.78 -23.03 -29.57
C LEU A 101 3.90 -22.81 -31.07
N PHE A 102 4.72 -23.64 -31.74
CA PHE A 102 5.03 -23.43 -33.14
C PHE A 102 4.32 -24.42 -34.05
N LYS A 103 3.31 -25.12 -33.51
CA LYS A 103 2.57 -26.08 -34.33
C LYS A 103 1.96 -25.41 -35.55
N SER A 104 1.53 -24.16 -35.44
CA SER A 104 0.84 -23.52 -36.56
C SER A 104 1.70 -22.48 -37.27
N GLY A 105 3.00 -22.43 -36.99
CA GLY A 105 3.88 -21.46 -37.63
C GLY A 105 4.67 -20.69 -36.59
N ILE A 106 5.47 -19.77 -37.09
CA ILE A 106 6.35 -18.95 -36.26
C ILE A 106 5.90 -17.49 -36.35
N SER A 107 5.92 -16.81 -35.20
CA SER A 107 5.67 -15.38 -35.13
C SER A 107 6.47 -14.83 -33.94
N TRP A 108 6.62 -13.50 -33.92
CA TRP A 108 7.33 -12.91 -32.81
C TRP A 108 6.62 -13.19 -31.49
N GLY A 109 5.28 -13.19 -31.48
CA GLY A 109 4.56 -13.46 -30.25
C GLY A 109 4.83 -14.88 -29.76
N ARG A 110 4.96 -15.82 -30.69
CA ARG A 110 5.27 -17.19 -30.27
C ARG A 110 6.69 -17.29 -29.72
N VAL A 111 7.63 -16.58 -30.33
CA VAL A 111 9.00 -16.54 -29.80
C VAL A 111 9.00 -15.98 -28.39
N VAL A 112 8.27 -14.89 -28.18
CA VAL A 112 8.22 -14.29 -26.86
C VAL A 112 7.67 -15.29 -25.84
N ALA A 113 6.65 -16.06 -26.22
CA ALA A 113 6.11 -17.06 -25.30
C ALA A 113 7.14 -18.12 -24.97
N LEU A 114 7.94 -18.53 -25.95
CA LEU A 114 8.98 -19.52 -25.70
C LEU A 114 10.01 -19.00 -24.70
N LEU A 115 10.48 -17.75 -24.89
CA LEU A 115 11.36 -17.13 -23.90
C LEU A 115 10.69 -17.08 -22.53
N GLY A 116 9.39 -16.77 -22.50
CA GLY A 116 8.66 -16.71 -21.23
C GLY A 116 8.63 -18.07 -20.54
N PHE A 117 8.48 -19.15 -21.32
CA PHE A 117 8.54 -20.46 -20.67
C PHE A 117 9.92 -20.69 -20.09
N GLY A 118 10.96 -20.33 -20.83
CA GLY A 118 12.31 -20.46 -20.31
C GLY A 118 12.48 -19.79 -18.97
N TYR A 119 11.98 -18.56 -18.86
CA TYR A 119 12.04 -17.83 -17.61
C TYR A 119 11.33 -18.57 -16.48
N ARG A 120 10.09 -19.02 -16.73
CA ARG A 120 9.31 -19.70 -15.69
C ARG A 120 9.98 -21.01 -15.29
N LEU A 121 10.54 -21.73 -16.26
CA LEU A 121 11.23 -22.97 -15.96
C LEU A 121 12.44 -22.71 -15.08
N ALA A 122 13.25 -21.71 -15.45
CA ALA A 122 14.40 -21.39 -14.64
C ALA A 122 13.96 -20.95 -13.23
N LEU A 123 12.93 -20.14 -13.14
CA LEU A 123 12.48 -19.70 -11.82
C LEU A 123 12.04 -20.89 -10.97
N TYR A 124 11.19 -21.76 -11.53
CA TYR A 124 10.67 -22.90 -10.78
C TYR A 124 11.78 -23.86 -10.36
N VAL A 125 12.70 -24.18 -11.27
CA VAL A 125 13.81 -25.06 -10.91
C VAL A 125 14.56 -24.50 -9.71
N TYR A 126 14.80 -23.18 -9.70
CA TYR A 126 15.44 -22.56 -8.55
C TYR A 126 14.59 -22.70 -7.29
N GLN A 127 13.28 -22.46 -7.40
CA GLN A 127 12.40 -22.55 -6.25
C GLN A 127 12.32 -23.96 -5.70
N ARG A 128 12.57 -24.96 -6.53
CA ARG A 128 12.62 -26.34 -6.03
C ARG A 128 13.97 -26.67 -5.43
N GLY A 129 14.87 -25.71 -5.32
CA GLY A 129 16.12 -25.93 -4.62
C GLY A 129 17.31 -26.29 -5.49
N LEU A 130 17.19 -26.27 -6.81
CA LEU A 130 18.33 -26.58 -7.66
C LEU A 130 19.00 -25.28 -8.07
N THR A 131 20.26 -25.11 -7.69
CA THR A 131 21.00 -23.90 -8.00
C THR A 131 21.87 -24.08 -9.24
N GLY A 132 22.24 -22.95 -9.84
CA GLY A 132 23.09 -22.87 -11.02
C GLY A 132 22.55 -23.44 -12.32
N PHE A 133 21.25 -23.53 -12.47
CA PHE A 133 20.63 -24.11 -13.66
C PHE A 133 20.35 -23.11 -14.79
N LEU A 134 20.51 -21.81 -14.57
CA LEU A 134 20.13 -20.87 -15.61
C LEU A 134 20.91 -21.11 -16.91
N GLY A 135 22.20 -21.45 -16.80
CA GLY A 135 22.98 -21.76 -17.99
C GLY A 135 22.42 -22.94 -18.79
N GLN A 136 21.93 -23.97 -18.10
CA GLN A 136 21.35 -25.09 -18.85
C GLN A 136 20.07 -24.66 -19.55
N VAL A 137 19.20 -23.91 -18.87
CA VAL A 137 17.96 -23.47 -19.50
C VAL A 137 18.28 -22.64 -20.73
N THR A 138 19.30 -21.79 -20.63
CA THR A 138 19.71 -20.95 -21.76
C THR A 138 20.16 -21.79 -22.95
N SER A 139 20.97 -22.82 -22.68
CA SER A 139 21.38 -23.72 -23.75
C SER A 139 20.19 -24.47 -24.35
N PHE A 140 19.27 -24.92 -23.50
CA PHE A 140 18.05 -25.59 -24.00
C PHE A 140 17.31 -24.69 -24.97
N LEU A 141 17.11 -23.43 -24.58
CA LEU A 141 16.41 -22.49 -25.44
C LEU A 141 17.16 -22.29 -26.75
N ALA A 142 18.48 -22.10 -26.67
CA ALA A 142 19.25 -21.84 -27.88
C ALA A 142 19.17 -23.03 -28.82
N ASP A 143 19.22 -24.24 -28.23
CA ASP A 143 19.08 -25.47 -28.99
C ASP A 143 17.74 -25.53 -29.72
N ILE A 144 16.65 -25.25 -29.00
CA ILE A 144 15.33 -25.28 -29.62
C ILE A 144 15.22 -24.25 -30.74
N ILE A 145 15.73 -23.04 -30.50
CA ILE A 145 15.57 -21.98 -31.51
C ILE A 145 16.34 -22.32 -32.78
N LEU A 146 17.53 -22.92 -32.65
N LEU A 146 17.53 -22.92 -32.65
CA LEU A 146 18.27 -23.30 -33.83
CA LEU A 146 18.30 -23.31 -33.81
C LEU A 146 17.62 -24.47 -34.56
C LEU A 146 17.65 -24.47 -34.55
N HIS A 147 17.36 -25.56 -33.84
CA HIS A 147 16.91 -26.80 -34.50
C HIS A 147 15.52 -26.65 -35.09
N HIS A 148 14.65 -25.85 -34.49
CA HIS A 148 13.29 -25.72 -34.96
C HIS A 148 13.15 -24.64 -36.04
N TYR A 149 14.26 -24.17 -36.59
CA TYR A 149 14.31 -23.19 -37.68
C TYR A 149 13.78 -21.83 -37.25
N ILE A 150 13.71 -21.58 -35.95
N ILE A 150 13.72 -21.58 -35.95
CA ILE A 150 13.33 -20.26 -35.45
CA ILE A 150 13.32 -20.25 -35.47
C ILE A 150 14.42 -19.25 -35.77
C ILE A 150 14.42 -19.24 -35.76
N ALA A 151 15.69 -19.62 -35.54
CA ALA A 151 16.79 -18.76 -35.92
C ALA A 151 16.74 -18.43 -37.40
N ARG A 152 16.45 -19.42 -38.25
CA ARG A 152 16.32 -19.11 -39.67
C ARG A 152 15.20 -18.09 -39.91
N TRP A 153 14.05 -18.31 -39.26
CA TRP A 153 12.92 -17.39 -39.41
C TRP A 153 13.29 -15.97 -38.99
N ILE A 154 14.00 -15.84 -37.86
CA ILE A 154 14.42 -14.53 -37.36
C ILE A 154 15.41 -13.89 -38.33
N ALA A 155 16.36 -14.69 -38.82
CA ALA A 155 17.33 -14.17 -39.78
C ALA A 155 16.65 -13.63 -41.03
N GLN A 156 15.57 -14.31 -41.48
CA GLN A 156 14.86 -13.83 -42.67
C GLN A 156 14.18 -12.50 -42.45
N ARG A 157 13.93 -12.15 -41.20
CA ARG A 157 13.35 -10.85 -40.88
C ARG A 157 14.37 -9.80 -40.47
N GLY A 158 15.65 -10.07 -40.60
CA GLY A 158 16.68 -9.11 -40.26
C GLY A 158 17.45 -9.37 -38.99
N GLY A 159 17.26 -10.51 -38.33
CA GLY A 159 18.00 -10.79 -37.11
C GLY A 159 17.22 -10.36 -35.88
N TRP A 160 17.79 -10.64 -34.70
CA TRP A 160 17.12 -10.28 -33.46
C TRP A 160 16.79 -8.78 -33.40
N VAL A 161 17.62 -7.92 -34.00
CA VAL A 161 17.37 -6.47 -33.91
C VAL A 161 16.02 -6.11 -34.50
N ALA A 162 15.46 -6.97 -35.36
CA ALA A 162 14.13 -6.71 -35.91
C ALA A 162 13.08 -6.62 -34.81
N ALA A 163 13.31 -7.29 -33.68
CA ALA A 163 12.34 -7.25 -32.60
C ALA A 163 12.22 -5.88 -31.99
N LEU A 164 13.18 -4.99 -32.24
CA LEU A 164 13.09 -3.61 -31.75
C LEU A 164 11.92 -2.84 -32.37
N ASN A 165 11.29 -3.36 -33.41
CA ASN A 165 10.22 -2.63 -34.07
C ASN A 165 8.86 -2.85 -33.42
N PHE A 166 8.83 -3.47 -32.24
CA PHE A 166 7.58 -3.62 -31.50
C PHE A 166 7.60 -2.87 -30.16
N ARG A 167 8.53 -1.94 -30.00
CA ARG A 167 8.50 -1.01 -28.87
C ARG A 167 7.10 -0.41 -28.71
N GLY B 1 6.72 9.97 -0.78
CA GLY B 1 6.13 8.86 -0.07
C GLY B 1 4.84 9.20 0.64
N PRO B 2 3.71 8.77 0.07
CA PRO B 2 2.40 9.00 0.71
C PRO B 2 2.17 8.21 2.00
N LEU B 3 2.99 7.20 2.31
CA LEU B 3 2.74 6.33 3.44
C LEU B 3 3.39 6.85 4.70
N GLY B 4 2.71 6.64 5.83
CA GLY B 4 3.28 7.02 7.10
C GLY B 4 4.48 6.18 7.46
N SER B 5 5.40 6.81 8.20
CA SER B 5 6.60 6.12 8.63
C SER B 5 6.27 5.00 9.61
N SER B 6 5.26 5.21 10.46
N SER B 6 5.26 5.21 10.47
CA SER B 6 4.85 4.18 11.41
CA SER B 6 4.86 4.16 11.40
C SER B 6 4.08 3.06 10.72
C SER B 6 4.12 3.05 10.68
N GLU B 7 3.33 3.41 9.67
CA GLU B 7 2.66 2.42 8.83
C GLU B 7 3.69 1.50 8.17
N GLN B 8 4.75 2.08 7.60
CA GLN B 8 5.79 1.29 6.95
C GLN B 8 6.57 0.46 7.98
N GLN B 9 6.84 1.02 9.15
CA GLN B 9 7.50 0.26 10.20
C GLN B 9 6.69 -0.97 10.58
N VAL B 10 5.36 -0.81 10.72
CA VAL B 10 4.52 -1.97 11.05
C VAL B 10 4.62 -3.02 9.94
N ALA B 11 4.58 -2.60 8.67
CA ALA B 11 4.71 -3.57 7.59
C ALA B 11 6.05 -4.29 7.68
N GLN B 12 7.12 -3.56 8.00
CA GLN B 12 8.44 -4.17 8.16
C GLN B 12 8.46 -5.13 9.34
N ASP B 13 7.96 -4.68 10.50
CA ASP B 13 7.90 -5.52 11.69
C ASP B 13 7.16 -6.83 11.45
N THR B 14 6.28 -6.88 10.45
CA THR B 14 5.47 -8.06 10.19
C THR B 14 6.34 -9.31 10.02
N GLU B 15 7.52 -9.17 9.42
CA GLU B 15 8.33 -10.36 9.14
C GLU B 15 8.76 -11.04 10.42
N GLU B 16 9.22 -10.26 11.41
CA GLU B 16 9.66 -10.87 12.66
C GLU B 16 8.48 -11.42 13.45
N VAL B 17 7.34 -10.73 13.42
CA VAL B 17 6.15 -11.25 14.09
C VAL B 17 5.73 -12.57 13.46
N PHE B 18 5.69 -12.61 12.13
CA PHE B 18 5.21 -13.82 11.45
C PHE B 18 6.16 -14.98 11.64
N ARG B 19 7.47 -14.76 11.53
CA ARG B 19 8.41 -15.85 11.74
C ARG B 19 8.25 -16.43 13.13
N SER B 20 8.04 -15.57 14.13
CA SER B 20 7.80 -16.06 15.48
C SER B 20 6.48 -16.82 15.55
N TYR B 21 5.43 -16.26 14.96
CA TYR B 21 4.14 -16.93 14.90
C TYR B 21 4.28 -18.33 14.34
N VAL B 22 4.92 -18.46 13.18
N VAL B 22 4.94 -18.48 13.20
CA VAL B 22 5.10 -19.77 12.54
CA VAL B 22 5.04 -19.80 12.58
C VAL B 22 5.90 -20.70 13.44
C VAL B 22 5.92 -20.72 13.42
N PHE B 23 7.01 -20.20 13.99
CA PHE B 23 7.87 -21.04 14.81
C PHE B 23 7.10 -21.63 15.98
N TYR B 24 6.35 -20.80 16.70
CA TYR B 24 5.69 -21.28 17.90
C TYR B 24 4.49 -22.14 17.55
N LEU B 25 3.77 -21.81 16.48
N LEU B 25 3.78 -21.82 16.48
CA LEU B 25 2.69 -22.67 16.01
CA LEU B 25 2.68 -22.68 16.02
C LEU B 25 3.22 -24.06 15.68
C LEU B 25 3.21 -24.06 15.65
N HIS B 26 4.32 -24.12 14.94
CA HIS B 26 4.89 -25.39 14.53
C HIS B 26 5.37 -26.20 15.72
N GLN B 27 5.94 -25.54 16.74
CA GLN B 27 6.32 -26.26 17.95
C GLN B 27 5.10 -26.77 18.71
N GLN B 28 4.02 -25.98 18.77
CA GLN B 28 2.79 -26.47 19.40
C GLN B 28 2.28 -27.72 18.69
N GLU B 29 2.27 -27.73 17.36
CA GLU B 29 1.86 -28.91 16.60
C GLU B 29 2.72 -30.11 16.95
N GLN B 30 4.03 -29.89 17.12
CA GLN B 30 4.91 -30.99 17.49
C GLN B 30 4.51 -31.57 18.85
N GLU B 31 4.13 -30.71 19.80
CA GLU B 31 3.72 -31.20 21.10
C GLU B 31 2.44 -32.04 21.00
N THR B 32 1.44 -31.52 20.29
CA THR B 32 0.14 -32.19 20.24
C THR B 32 0.14 -33.42 19.33
N GLN B 33 0.88 -33.38 18.22
CA GLN B 33 0.80 -34.46 17.23
C GLN B 33 2.01 -35.40 17.25
N GLY B 34 3.12 -35.01 17.88
CA GLY B 34 4.26 -35.91 17.93
C GLY B 34 4.77 -36.30 16.55
N ALA B 35 5.06 -37.59 16.39
CA ALA B 35 5.62 -38.05 15.13
C ALA B 35 4.68 -37.85 13.95
N ALA B 36 3.38 -37.61 14.20
CA ALA B 36 2.43 -37.36 13.11
C ALA B 36 2.44 -35.92 12.60
N ALA B 37 3.14 -35.02 13.28
CA ALA B 37 3.11 -33.63 12.82
C ALA B 37 3.85 -33.53 11.49
N PRO B 38 3.34 -32.74 10.55
CA PRO B 38 4.05 -32.56 9.28
C PRO B 38 5.44 -32.00 9.54
N ALA B 39 6.44 -32.68 8.99
CA ALA B 39 7.80 -32.21 9.16
C ALA B 39 8.01 -30.92 8.36
N ASN B 40 8.79 -30.01 8.92
CA ASN B 40 9.22 -28.85 8.15
C ASN B 40 10.44 -28.27 8.84
N PRO B 41 11.64 -28.74 8.45
CA PRO B 41 12.85 -28.25 9.10
C PRO B 41 12.99 -26.76 9.00
N GLU B 42 12.42 -26.15 7.96
N GLU B 42 12.41 -26.14 7.98
CA GLU B 42 12.53 -24.71 7.80
CA GLU B 42 12.56 -24.70 7.81
C GLU B 42 11.87 -23.98 8.95
C GLU B 42 11.82 -23.94 8.90
N MET B 43 10.72 -24.48 9.42
CA MET B 43 10.03 -23.86 10.55
C MET B 43 10.64 -24.26 11.90
N ASP B 44 11.45 -25.33 11.95
CA ASP B 44 12.15 -25.68 13.20
C ASP B 44 13.36 -24.81 13.40
N ASN B 45 14.18 -24.68 12.36
CA ASN B 45 15.44 -23.95 12.44
C ASN B 45 15.29 -22.47 12.10
N LEU B 46 14.09 -21.93 12.30
CA LEU B 46 13.83 -20.53 12.04
C LEU B 46 14.66 -19.66 12.97
N PRO B 47 15.69 -18.97 12.51
CA PRO B 47 16.35 -17.95 13.35
C PRO B 47 15.31 -17.07 14.04
N LEU B 48 15.54 -16.82 15.32
N LEU B 48 15.54 -16.79 15.31
CA LEU B 48 14.54 -16.25 16.21
CA LEU B 48 14.53 -16.09 16.09
C LEU B 48 15.23 -15.50 17.35
C LEU B 48 15.13 -14.92 16.87
N GLU B 49 14.48 -14.59 17.98
CA GLU B 49 14.99 -13.74 19.05
C GLU B 49 13.91 -13.71 20.13
N PRO B 50 13.91 -14.70 21.02
CA PRO B 50 12.65 -15.07 21.69
C PRO B 50 12.09 -14.01 22.61
N ASN B 51 12.92 -13.24 23.31
CA ASN B 51 12.39 -12.23 24.20
C ASN B 51 12.39 -10.83 23.58
N SER B 52 12.46 -10.75 22.26
CA SER B 52 12.22 -9.46 21.64
C SER B 52 10.74 -9.13 21.74
N ILE B 53 10.41 -7.84 21.67
CA ILE B 53 9.01 -7.46 21.70
C ILE B 53 8.23 -8.14 20.57
N LEU B 54 8.74 -8.05 19.34
CA LEU B 54 8.01 -8.65 18.22
C LEU B 54 7.98 -10.17 18.33
N GLY B 55 9.05 -10.78 18.85
CA GLY B 55 9.04 -12.21 19.12
C GLY B 55 7.93 -12.61 20.08
N GLN B 56 7.78 -11.86 21.17
CA GLN B 56 6.70 -12.13 22.12
C GLN B 56 5.33 -11.97 21.47
N VAL B 57 5.18 -10.94 20.62
CA VAL B 57 3.88 -10.76 19.98
C VAL B 57 3.55 -11.97 19.12
N GLY B 58 4.51 -12.38 18.28
CA GLY B 58 4.30 -13.57 17.47
C GLY B 58 3.95 -14.79 18.31
N ARG B 59 4.61 -14.94 19.46
CA ARG B 59 4.34 -16.11 20.32
C ARG B 59 2.93 -16.07 20.88
N GLN B 60 2.52 -14.90 21.39
CA GLN B 60 1.19 -14.75 21.96
C GLN B 60 0.10 -14.97 20.91
N LEU B 61 0.31 -14.44 19.70
CA LEU B 61 -0.68 -14.61 18.65
C LEU B 61 -0.76 -16.05 18.21
N ALA B 62 0.36 -16.77 18.25
CA ALA B 62 0.32 -18.21 17.96
C ALA B 62 -0.55 -18.94 18.97
N LEU B 63 -0.43 -18.57 20.26
CA LEU B 63 -1.26 -19.20 21.29
C LEU B 63 -2.75 -18.96 21.02
N ILE B 64 -3.11 -17.73 20.69
CA ILE B 64 -4.50 -17.39 20.42
C ILE B 64 -4.96 -18.00 19.09
N GLY B 65 -4.12 -17.96 18.07
CA GLY B 65 -4.54 -18.43 16.76
C GLY B 65 -4.84 -19.92 16.75
N ASP B 66 -4.07 -20.70 17.52
CA ASP B 66 -4.35 -22.11 17.63
C ASP B 66 -5.83 -22.34 17.94
N ASP B 67 -6.40 -21.46 18.77
CA ASP B 67 -7.80 -21.59 19.17
C ASP B 67 -8.73 -21.00 18.10
N ILE B 68 -8.70 -19.68 17.92
CA ILE B 68 -9.75 -19.02 17.17
C ILE B 68 -9.69 -19.29 15.67
N ASN B 69 -8.51 -19.63 15.13
CA ASN B 69 -8.40 -19.94 13.71
C ASN B 69 -8.94 -21.31 13.33
N ARG B 70 -9.25 -22.18 14.30
CA ARG B 70 -9.94 -23.40 13.94
C ARG B 70 -11.23 -23.06 13.19
N ARG B 71 -11.80 -21.89 13.49
CA ARG B 71 -13.02 -21.42 12.85
C ARG B 71 -12.84 -21.06 11.38
N TYR B 72 -11.62 -20.80 10.93
CA TYR B 72 -11.33 -20.48 9.54
C TYR B 72 -10.69 -21.63 8.77
N ASP B 73 -10.42 -22.76 9.43
CA ASP B 73 -9.62 -23.79 8.79
C ASP B 73 -10.31 -24.32 7.53
N THR B 74 -11.60 -24.63 7.61
CA THR B 74 -12.29 -25.16 6.44
C THR B 74 -12.27 -24.16 5.29
N GLU B 75 -12.55 -22.88 5.58
CA GLU B 75 -12.52 -21.87 4.53
C GLU B 75 -11.12 -21.77 3.93
N PHE B 76 -10.09 -21.82 4.78
CA PHE B 76 -8.72 -21.71 4.30
C PHE B 76 -8.33 -22.92 3.44
N GLN B 77 -8.67 -24.13 3.87
CA GLN B 77 -8.37 -25.31 3.08
C GLN B 77 -9.09 -25.29 1.74
N ASN B 78 -10.35 -24.84 1.71
CA ASN B 78 -11.08 -24.82 0.44
C ASN B 78 -10.41 -23.89 -0.56
N LEU B 79 -9.90 -22.75 -0.08
CA LEU B 79 -9.20 -21.83 -0.97
C LEU B 79 -7.83 -22.37 -1.40
N LEU B 80 -7.09 -22.98 -0.48
CA LEU B 80 -5.76 -23.48 -0.84
C LEU B 80 -5.83 -24.60 -1.86
N GLU B 81 -6.98 -25.24 -2.03
CA GLU B 81 -7.12 -26.24 -3.08
C GLU B 81 -6.99 -25.62 -4.46
N GLN B 82 -7.25 -24.31 -4.58
CA GLN B 82 -6.99 -23.62 -5.84
C GLN B 82 -5.50 -23.34 -6.07
N LEU B 83 -4.64 -23.68 -5.10
CA LEU B 83 -3.21 -23.43 -5.25
C LEU B 83 -2.63 -24.36 -6.31
N GLN B 84 -1.93 -23.78 -7.28
CA GLN B 84 -1.30 -24.59 -8.31
C GLN B 84 -0.20 -25.45 -7.70
N PRO B 85 0.05 -26.64 -8.26
CA PRO B 85 1.14 -27.48 -7.74
C PRO B 85 2.50 -26.78 -7.74
N THR B 86 2.74 -25.85 -8.68
CA THR B 86 3.95 -25.05 -8.65
C THR B 86 3.85 -23.89 -7.66
N ALA B 87 2.65 -23.62 -7.14
CA ALA B 87 2.38 -22.51 -6.23
C ALA B 87 2.53 -21.14 -6.89
N GLY B 88 2.47 -21.08 -8.22
CA GLY B 88 2.67 -19.81 -8.91
C GLY B 88 1.66 -18.74 -8.56
N ASN B 89 0.44 -19.14 -8.17
CA ASN B 89 -0.64 -18.21 -7.85
C ASN B 89 -0.79 -17.96 -6.35
N ALA B 90 0.26 -18.20 -5.57
CA ALA B 90 0.15 -18.07 -4.12
C ALA B 90 -0.24 -16.65 -3.70
N TYR B 91 0.41 -15.63 -4.26
CA TYR B 91 0.07 -14.26 -3.83
C TYR B 91 -1.38 -13.95 -4.16
N GLU B 92 -1.84 -14.38 -5.33
CA GLU B 92 -3.21 -14.11 -5.75
C GLU B 92 -4.22 -14.64 -4.74
N LEU B 93 -3.99 -15.85 -4.23
CA LEU B 93 -4.88 -16.43 -3.22
C LEU B 93 -4.81 -15.65 -1.91
N PHE B 94 -3.58 -15.24 -1.53
CA PHE B 94 -3.35 -14.51 -0.30
C PHE B 94 -4.11 -13.18 -0.26
N THR B 95 -4.01 -12.37 -1.32
N THR B 95 -4.00 -12.38 -1.32
CA THR B 95 -4.73 -11.09 -1.33
CA THR B 95 -4.72 -11.11 -1.36
C THR B 95 -6.23 -11.29 -1.50
C THR B 95 -6.23 -11.32 -1.43
N LYS B 96 -6.66 -12.42 -2.07
CA LYS B 96 -8.09 -12.72 -2.12
C LYS B 96 -8.66 -12.94 -0.72
N ILE B 97 -8.02 -13.80 0.07
N ILE B 97 -8.00 -13.80 0.07
CA ILE B 97 -8.52 -14.07 1.41
CA ILE B 97 -8.49 -14.09 1.41
C ILE B 97 -8.44 -12.83 2.28
C ILE B 97 -8.43 -12.84 2.29
N ALA B 98 -7.44 -11.98 2.07
CA ALA B 98 -7.38 -10.72 2.83
C ALA B 98 -8.56 -9.82 2.49
N SER B 99 -8.92 -9.71 1.20
CA SER B 99 -10.07 -8.90 0.83
C SER B 99 -11.34 -9.37 1.51
N SER B 100 -11.58 -10.69 1.58
CA SER B 100 -12.82 -11.17 2.21
C SER B 100 -12.75 -11.02 3.73
N LEU B 101 -11.58 -11.26 4.34
CA LEU B 101 -11.46 -11.17 5.79
C LEU B 101 -11.70 -9.75 6.27
N PHE B 102 -11.22 -8.75 5.53
CA PHE B 102 -11.26 -7.37 6.00
C PHE B 102 -12.31 -6.53 5.31
N LYS B 103 -13.19 -7.17 4.52
CA LYS B 103 -14.18 -6.44 3.74
C LYS B 103 -15.06 -5.55 4.62
N SER B 104 -15.40 -6.00 5.82
CA SER B 104 -16.32 -5.27 6.71
C SER B 104 -15.62 -4.64 7.90
N GLY B 105 -14.29 -4.58 7.88
CA GLY B 105 -13.51 -3.92 8.91
C GLY B 105 -12.32 -4.76 9.36
N ILE B 106 -11.49 -4.13 10.17
CA ILE B 106 -10.23 -4.72 10.62
C ILE B 106 -10.33 -4.99 12.12
N SER B 107 -9.83 -6.15 12.54
CA SER B 107 -9.78 -6.48 13.96
C SER B 107 -8.56 -7.34 14.21
N TRP B 108 -8.16 -7.43 15.47
CA TRP B 108 -7.02 -8.29 15.79
C TRP B 108 -7.33 -9.74 15.44
N GLY B 109 -8.56 -10.18 15.66
CA GLY B 109 -8.93 -11.54 15.32
C GLY B 109 -8.81 -11.82 13.83
N ARG B 110 -9.17 -10.85 13.00
CA ARG B 110 -9.00 -11.02 11.56
C ARG B 110 -7.52 -10.98 11.18
N VAL B 111 -6.73 -10.15 11.87
CA VAL B 111 -5.29 -10.16 11.62
C VAL B 111 -4.69 -11.51 11.96
N VAL B 112 -5.10 -12.10 13.08
CA VAL B 112 -4.58 -13.41 13.44
C VAL B 112 -4.99 -14.46 12.40
N ALA B 113 -6.21 -14.35 11.87
CA ALA B 113 -6.63 -15.30 10.84
C ALA B 113 -5.73 -15.19 9.61
N LEU B 114 -5.35 -13.96 9.23
CA LEU B 114 -4.48 -13.75 8.08
C LEU B 114 -3.11 -14.38 8.32
N LEU B 115 -2.57 -14.23 9.53
N LEU B 115 -2.58 -14.26 9.53
CA LEU B 115 -1.35 -14.95 9.88
CA LEU B 115 -1.33 -14.97 9.83
C LEU B 115 -1.56 -16.45 9.73
C LEU B 115 -1.54 -16.47 9.75
N GLY B 116 -2.68 -16.96 10.25
CA GLY B 116 -2.99 -18.38 10.12
C GLY B 116 -3.03 -18.83 8.68
N PHE B 117 -3.57 -17.99 7.78
CA PHE B 117 -3.54 -18.39 6.38
C PHE B 117 -2.12 -18.44 5.85
N GLY B 118 -1.30 -17.42 6.18
CA GLY B 118 0.11 -17.48 5.81
C GLY B 118 0.79 -18.75 6.27
N TYR B 119 0.52 -19.17 7.50
CA TYR B 119 1.12 -20.39 8.02
C TYR B 119 0.72 -21.60 7.18
N ARG B 120 -0.57 -21.76 6.93
CA ARG B 120 -1.04 -22.90 6.14
C ARG B 120 -0.50 -22.86 4.70
N LEU B 121 -0.46 -21.67 4.11
CA LEU B 121 0.10 -21.53 2.77
C LEU B 121 1.57 -21.96 2.75
N ALA B 122 2.35 -21.51 3.75
CA ALA B 122 3.74 -21.92 3.82
C ALA B 122 3.85 -23.45 3.93
N LEU B 123 2.98 -24.06 4.74
CA LEU B 123 2.99 -25.51 4.86
C LEU B 123 2.64 -26.18 3.53
N TYR B 124 1.65 -25.63 2.83
CA TYR B 124 1.22 -26.23 1.57
C TYR B 124 2.32 -26.16 0.52
N VAL B 125 3.07 -25.06 0.47
N VAL B 125 3.03 -25.03 0.46
CA VAL B 125 4.06 -24.91 -0.59
CA VAL B 125 4.08 -24.85 -0.54
C VAL B 125 5.28 -25.79 -0.30
C VAL B 125 5.22 -25.83 -0.29
N TYR B 126 5.65 -25.94 0.98
CA TYR B 126 6.75 -26.83 1.32
C TYR B 126 6.41 -28.25 0.90
N GLN B 127 5.16 -28.67 1.11
CA GLN B 127 4.74 -30.01 0.73
C GLN B 127 4.74 -30.21 -0.78
N ARG B 128 4.64 -29.14 -1.56
CA ARG B 128 4.73 -29.24 -3.01
C ARG B 128 6.17 -29.20 -3.50
N GLY B 129 7.15 -29.17 -2.60
CA GLY B 129 8.55 -29.26 -2.97
C GLY B 129 9.28 -27.93 -3.05
N LEU B 130 8.63 -26.82 -2.80
N LEU B 130 8.65 -26.82 -2.73
CA LEU B 130 9.32 -25.54 -2.78
CA LEU B 130 9.31 -25.52 -2.79
C LEU B 130 10.06 -25.42 -1.46
C LEU B 130 10.04 -25.27 -1.47
N THR B 131 11.37 -25.22 -1.52
CA THR B 131 12.20 -25.05 -0.34
C THR B 131 12.59 -23.59 -0.16
N GLY B 132 12.83 -23.23 1.09
CA GLY B 132 13.22 -21.86 1.34
C GLY B 132 12.18 -20.86 0.92
N PHE B 133 10.90 -21.25 0.87
CA PHE B 133 9.82 -20.36 0.44
C PHE B 133 9.19 -19.59 1.61
N LEU B 134 9.54 -19.95 2.85
CA LEU B 134 8.95 -19.22 3.98
C LEU B 134 9.28 -17.73 3.91
N GLY B 135 10.49 -17.39 3.46
CA GLY B 135 10.82 -15.98 3.26
C GLY B 135 9.88 -15.30 2.28
N GLN B 136 9.52 -16.01 1.21
CA GLN B 136 8.63 -15.44 0.19
C GLN B 136 7.20 -15.26 0.72
N VAL B 137 6.68 -16.23 1.48
CA VAL B 137 5.36 -16.08 2.10
C VAL B 137 5.35 -14.89 3.05
N THR B 138 6.43 -14.74 3.82
CA THR B 138 6.57 -13.62 4.74
C THR B 138 6.54 -12.30 3.98
N SER B 139 7.25 -12.22 2.86
CA SER B 139 7.21 -11.01 2.04
C SER B 139 5.80 -10.76 1.49
N PHE B 140 5.14 -11.83 1.01
CA PHE B 140 3.75 -11.69 0.56
C PHE B 140 2.90 -11.08 1.64
N LEU B 141 3.02 -11.62 2.85
CA LEU B 141 2.19 -11.18 3.96
C LEU B 141 2.41 -9.69 4.25
N ALA B 142 3.67 -9.26 4.30
CA ALA B 142 3.95 -7.85 4.62
C ALA B 142 3.39 -6.93 3.54
N ASP B 143 3.48 -7.35 2.28
CA ASP B 143 2.93 -6.57 1.17
C ASP B 143 1.40 -6.46 1.28
N ILE B 144 0.75 -7.57 1.62
CA ILE B 144 -0.69 -7.60 1.80
C ILE B 144 -1.11 -6.72 2.99
N ILE B 145 -0.40 -6.85 4.11
CA ILE B 145 -0.72 -6.03 5.29
C ILE B 145 -0.58 -4.55 4.99
N LEU B 146 0.41 -4.17 4.19
CA LEU B 146 0.58 -2.77 3.83
C LEU B 146 -0.57 -2.30 2.95
N HIS B 147 -0.85 -3.01 1.85
CA HIS B 147 -1.83 -2.51 0.88
C HIS B 147 -3.26 -2.53 1.42
N HIS B 148 -3.60 -3.51 2.27
CA HIS B 148 -4.98 -3.58 2.72
C HIS B 148 -5.26 -2.71 3.95
N TYR B 149 -4.38 -1.75 4.25
CA TYR B 149 -4.50 -0.79 5.35
C TYR B 149 -4.34 -1.45 6.73
N ILE B 150 -3.86 -2.68 6.79
CA ILE B 150 -3.68 -3.35 8.08
C ILE B 150 -2.52 -2.73 8.83
N ALA B 151 -1.42 -2.46 8.13
CA ALA B 151 -0.30 -1.77 8.75
C ALA B 151 -0.73 -0.45 9.36
N ARG B 152 -1.53 0.32 8.62
CA ARG B 152 -2.01 1.60 9.15
C ARG B 152 -2.87 1.38 10.38
N TRP B 153 -3.79 0.42 10.30
CA TRP B 153 -4.66 0.12 11.43
C TRP B 153 -3.85 -0.28 12.66
N ILE B 154 -2.87 -1.17 12.49
CA ILE B 154 -2.03 -1.61 13.61
C ILE B 154 -1.21 -0.45 14.16
N ALA B 155 -0.66 0.39 13.27
CA ALA B 155 0.07 1.55 13.73
C ALA B 155 -0.83 2.48 14.55
N GLN B 156 -2.10 2.65 14.13
CA GLN B 156 -3.00 3.49 14.90
C GLN B 156 -3.35 2.89 16.27
N ARG B 157 -3.14 1.59 16.46
CA ARG B 157 -3.39 0.96 17.75
C ARG B 157 -2.17 1.01 18.63
N GLY B 158 -1.08 1.58 18.15
CA GLY B 158 0.15 1.61 18.90
C GLY B 158 1.20 0.62 18.41
N GLY B 159 0.97 -0.04 17.27
CA GLY B 159 1.91 -1.00 16.73
C GLY B 159 1.56 -2.41 17.14
N TRP B 160 2.35 -3.36 16.63
CA TRP B 160 2.13 -4.76 16.96
C TRP B 160 2.14 -5.00 18.46
N VAL B 161 2.94 -4.24 19.21
CA VAL B 161 3.02 -4.49 20.64
C VAL B 161 1.63 -4.40 21.27
N ALA B 162 0.72 -3.65 20.63
CA ALA B 162 -0.64 -3.54 21.16
C ALA B 162 -1.35 -4.89 21.17
N ALA B 163 -0.94 -5.82 20.30
CA ALA B 163 -1.59 -7.12 20.25
C ALA B 163 -1.33 -7.95 21.50
N LEU B 164 -0.37 -7.57 22.34
CA LEU B 164 -0.15 -8.34 23.56
C LEU B 164 -1.37 -8.29 24.48
N ASN B 165 -2.29 -7.35 24.25
CA ASN B 165 -3.50 -7.16 25.04
C ASN B 165 -4.73 -7.86 24.45
N PHE B 166 -4.58 -8.60 23.35
CA PHE B 166 -5.71 -9.19 22.67
C PHE B 166 -6.12 -10.52 23.28
N ARG B 167 -7.43 -10.79 23.31
CA ARG B 167 -7.99 -12.04 23.82
C ARG B 167 -7.19 -13.24 23.34
N GLY C 1 -5.48 35.31 47.72
CA GLY C 1 -5.57 35.56 46.30
C GLY C 1 -6.69 34.77 45.66
N PRO C 2 -7.09 35.17 44.44
CA PRO C 2 -8.17 34.43 43.76
C PRO C 2 -7.76 33.02 43.35
N LEU C 3 -6.47 32.74 43.24
CA LEU C 3 -5.98 31.45 42.79
C LEU C 3 -5.09 30.79 43.84
N GLY C 4 -5.22 29.47 43.97
CA GLY C 4 -4.23 28.74 44.73
C GLY C 4 -2.89 28.76 44.03
N SER C 5 -1.82 28.57 44.79
CA SER C 5 -0.49 28.62 44.21
C SER C 5 -0.31 27.54 43.14
N SER C 6 -0.74 26.32 43.46
CA SER C 6 -0.61 25.24 42.47
C SER C 6 -1.62 25.42 41.34
N GLU C 7 -2.86 25.80 41.67
CA GLU C 7 -3.83 26.10 40.64
C GLU C 7 -3.31 27.13 39.64
N GLN C 8 -2.69 28.21 40.14
CA GLN C 8 -2.19 29.23 39.22
C GLN C 8 -1.09 28.68 38.32
N GLN C 9 -0.21 27.82 38.85
CA GLN C 9 0.82 27.22 38.03
C GLN C 9 0.21 26.32 36.96
N VAL C 10 -0.80 25.53 37.32
CA VAL C 10 -1.47 24.68 36.34
C VAL C 10 -2.07 25.52 35.22
N ALA C 11 -2.74 26.62 35.58
CA ALA C 11 -3.33 27.48 34.57
C ALA C 11 -2.26 28.06 33.65
N GLN C 12 -1.15 28.54 34.22
CA GLN C 12 -0.09 29.09 33.40
C GLN C 12 0.48 28.03 32.46
N ASP C 13 0.53 26.79 32.94
CA ASP C 13 1.12 25.69 32.19
C ASP C 13 0.28 25.24 30.99
N THR C 14 -1.02 25.54 30.98
CA THR C 14 -1.90 24.98 29.95
C THR C 14 -1.40 25.25 28.54
N GLU C 15 -0.94 26.49 28.27
CA GLU C 15 -0.52 26.81 26.91
C GLU C 15 0.54 25.84 26.40
N GLU C 16 1.60 25.63 27.19
CA GLU C 16 2.65 24.72 26.73
C GLU C 16 2.15 23.29 26.63
N VAL C 17 1.28 22.87 27.55
CA VAL C 17 0.74 21.51 27.45
C VAL C 17 -0.02 21.35 26.14
N PHE C 18 -0.90 22.31 25.83
CA PHE C 18 -1.74 22.17 24.65
C PHE C 18 -0.94 22.26 23.35
N ARG C 19 0.02 23.19 23.27
CA ARG C 19 0.82 23.28 22.06
C ARG C 19 1.59 21.97 21.83
N SER C 20 2.06 21.35 22.91
CA SER C 20 2.73 20.07 22.78
C SER C 20 1.76 18.99 22.34
N TYR C 21 0.58 18.93 22.98
CA TYR C 21 -0.46 18.00 22.55
C TYR C 21 -0.75 18.13 21.06
N VAL C 22 -0.96 19.36 20.58
CA VAL C 22 -1.28 19.56 19.16
C VAL C 22 -0.15 19.04 18.28
N PHE C 23 1.09 19.42 18.61
CA PHE C 23 2.21 19.01 17.76
C PHE C 23 2.30 17.48 17.70
N TYR C 24 2.21 16.83 18.87
CA TYR C 24 2.43 15.39 18.86
C TYR C 24 1.27 14.60 18.28
N LEU C 25 0.02 15.05 18.50
CA LEU C 25 -1.12 14.43 17.85
C LEU C 25 -1.02 14.56 16.33
N HIS C 26 -0.74 15.77 15.86
CA HIS C 26 -0.59 15.99 14.43
C HIS C 26 0.53 15.11 13.87
N GLN C 27 1.63 14.98 14.60
CA GLN C 27 2.73 14.15 14.12
C GLN C 27 2.32 12.68 14.11
N GLN C 28 1.56 12.24 15.11
N GLN C 28 1.54 12.25 15.09
CA GLN C 28 1.07 10.87 15.11
CA GLN C 28 1.10 10.85 15.11
C GLN C 28 0.22 10.59 13.88
C GLN C 28 0.16 10.55 13.94
N GLU C 29 -0.69 11.51 13.55
CA GLU C 29 -1.51 11.33 12.35
C GLU C 29 -0.62 11.23 11.12
N GLN C 30 0.42 12.05 11.03
CA GLN C 30 1.36 11.94 9.90
C GLN C 30 2.04 10.59 9.87
N GLU C 31 2.46 10.10 11.04
CA GLU C 31 3.22 8.84 11.06
C GLU C 31 2.35 7.64 10.71
N THR C 32 1.05 7.69 10.99
CA THR C 32 0.18 6.56 10.63
C THR C 32 -0.47 6.72 9.26
N GLN C 33 -0.83 7.96 8.86
CA GLN C 33 -1.54 8.22 7.61
C GLN C 33 -0.68 8.79 6.50
N GLY C 34 0.53 9.25 6.82
CA GLY C 34 1.39 9.82 5.79
C GLY C 34 0.74 11.03 5.14
N ALA C 35 0.90 11.14 3.82
CA ALA C 35 0.40 12.30 3.09
C ALA C 35 -1.13 12.40 3.12
N ALA C 36 -1.83 11.32 3.47
CA ALA C 36 -3.28 11.35 3.65
C ALA C 36 -3.72 11.99 4.97
N ALA C 37 -2.79 12.31 5.86
CA ALA C 37 -3.17 12.98 7.09
C ALA C 37 -3.60 14.40 6.76
N PRO C 38 -4.60 14.94 7.47
CA PRO C 38 -5.01 16.33 7.21
C PRO C 38 -3.82 17.28 7.41
N ALA C 39 -3.45 17.96 6.35
CA ALA C 39 -2.34 18.89 6.39
C ALA C 39 -2.71 20.16 7.15
N ASN C 40 -1.75 20.68 7.90
CA ASN C 40 -1.84 21.98 8.57
C ASN C 40 -0.44 22.40 9.01
N PRO C 41 0.28 23.16 8.19
CA PRO C 41 1.65 23.56 8.55
C PRO C 41 1.76 24.29 9.87
N GLU C 42 0.70 24.96 10.31
CA GLU C 42 0.80 25.65 11.59
C GLU C 42 0.99 24.67 12.74
N MET C 43 0.64 23.40 12.54
CA MET C 43 0.80 22.39 13.58
C MET C 43 2.11 21.64 13.49
N ASP C 44 2.87 21.83 12.41
CA ASP C 44 4.20 21.22 12.23
C ASP C 44 5.33 21.99 12.91
N ASN C 45 5.05 23.14 13.50
N ASN C 45 5.05 23.14 13.50
CA ASN C 45 6.11 23.90 14.16
CA ASN C 45 6.08 23.90 14.18
C ASN C 45 6.48 23.24 15.48
C ASN C 45 6.46 23.20 15.48
N LEU C 46 7.74 22.85 15.61
CA LEU C 46 8.18 22.15 16.80
C LEU C 46 8.14 23.07 18.02
N PRO C 47 7.74 22.57 19.18
CA PRO C 47 7.89 23.36 20.40
C PRO C 47 9.34 23.49 20.78
N LEU C 48 9.69 24.62 21.39
CA LEU C 48 11.01 24.77 21.97
C LEU C 48 11.12 23.91 23.21
N GLU C 49 12.24 23.21 23.35
CA GLU C 49 12.42 22.29 24.46
C GLU C 49 11.25 21.31 24.49
N PRO C 50 11.25 20.30 23.60
CA PRO C 50 10.15 19.33 23.59
C PRO C 50 10.21 18.28 24.70
N ASN C 51 11.31 18.19 25.44
CA ASN C 51 11.40 17.25 26.56
C ASN C 51 11.33 17.96 27.90
N SER C 52 10.71 19.14 27.96
CA SER C 52 10.36 19.70 29.24
C SER C 52 9.27 18.83 29.83
N ILE C 53 9.06 18.92 31.14
CA ILE C 53 8.01 18.11 31.75
C ILE C 53 6.68 18.34 31.03
N LEU C 54 6.32 19.59 30.81
CA LEU C 54 5.05 19.88 30.16
C LEU C 54 5.01 19.37 28.73
N GLY C 55 6.15 19.41 28.04
CA GLY C 55 6.21 18.83 26.70
C GLY C 55 5.90 17.35 26.72
N GLN C 56 6.50 16.63 27.68
CA GLN C 56 6.24 15.20 27.80
C GLN C 56 4.78 14.94 28.15
N VAL C 57 4.18 15.84 28.95
CA VAL C 57 2.78 15.66 29.32
C VAL C 57 1.90 15.77 28.09
N GLY C 58 2.09 16.82 27.29
CA GLY C 58 1.32 16.93 26.05
C GLY C 58 1.50 15.73 25.15
N ARG C 59 2.75 15.26 25.02
CA ARG C 59 3.01 14.08 24.22
C ARG C 59 2.20 12.89 24.73
N GLN C 60 2.15 12.71 26.05
N GLN C 60 2.12 12.73 26.05
CA GLN C 60 1.45 11.55 26.61
CA GLN C 60 1.46 11.55 26.60
C GLN C 60 -0.06 11.69 26.41
C GLN C 60 -0.06 11.67 26.49
N LEU C 61 -0.59 12.88 26.65
CA LEU C 61 -2.02 13.10 26.45
C LEU C 61 -2.41 12.95 24.98
N ALA C 62 -1.51 13.30 24.06
CA ALA C 62 -1.78 13.06 22.64
C ALA C 62 -1.86 11.56 22.35
N LEU C 63 -0.95 10.79 22.93
CA LEU C 63 -0.96 9.34 22.71
C LEU C 63 -2.27 8.74 23.20
N ILE C 64 -2.72 9.16 24.38
CA ILE C 64 -3.98 8.69 24.96
C ILE C 64 -5.17 9.24 24.18
N GLY C 65 -5.08 10.50 23.79
CA GLY C 65 -6.20 11.16 23.13
C GLY C 65 -6.57 10.58 21.78
N ASP C 66 -5.59 10.06 21.03
CA ASP C 66 -5.91 9.45 19.74
C ASP C 66 -7.03 8.42 19.87
N ASP C 67 -6.96 7.58 20.90
CA ASP C 67 -7.96 6.53 21.06
C ASP C 67 -9.23 7.03 21.73
N ILE C 68 -9.16 7.36 23.02
CA ILE C 68 -10.36 7.68 23.77
C ILE C 68 -11.14 8.85 23.20
N ASN C 69 -10.53 9.63 22.31
CA ASN C 69 -11.24 10.72 21.65
C ASN C 69 -11.97 10.29 20.39
N ARG C 70 -11.66 9.10 19.85
CA ARG C 70 -12.47 8.57 18.75
C ARG C 70 -13.93 8.47 19.17
N ARG C 71 -14.18 8.28 20.46
CA ARG C 71 -15.54 8.20 20.96
C ARG C 71 -16.29 9.52 20.76
N TYR C 72 -15.57 10.63 20.71
CA TYR C 72 -16.19 11.95 20.61
C TYR C 72 -16.31 12.48 19.18
N ASP C 73 -15.92 11.70 18.17
CA ASP C 73 -15.86 12.23 16.81
C ASP C 73 -17.20 12.80 16.37
N THR C 74 -18.29 12.05 16.58
CA THR C 74 -19.59 12.51 16.13
C THR C 74 -20.00 13.79 16.85
N GLU C 75 -19.82 13.82 18.17
CA GLU C 75 -20.20 15.00 18.92
C GLU C 75 -19.36 16.21 18.51
N PHE C 76 -18.06 16.03 18.30
CA PHE C 76 -17.23 17.15 17.88
C PHE C 76 -17.68 17.66 16.52
N GLN C 77 -17.93 16.74 15.59
CA GLN C 77 -18.37 17.10 14.24
C GLN C 77 -19.64 17.93 14.28
N ASN C 78 -20.57 17.58 15.19
CA ASN C 78 -21.84 18.29 15.25
C ASN C 78 -21.64 19.72 15.75
N LEU C 79 -20.74 19.91 16.72
CA LEU C 79 -20.46 21.27 17.19
C LEU C 79 -19.73 22.08 16.12
N LEU C 80 -18.81 21.45 15.39
CA LEU C 80 -18.08 22.19 14.37
C LEU C 80 -19.00 22.63 13.23
N GLU C 81 -20.10 21.92 12.99
CA GLU C 81 -21.06 22.38 11.99
C GLU C 81 -21.63 23.76 12.34
N GLN C 82 -21.72 24.08 13.63
CA GLN C 82 -22.28 25.34 14.08
C GLN C 82 -21.29 26.49 14.01
N LEU C 83 -20.05 26.22 13.62
CA LEU C 83 -19.03 27.26 13.56
C LEU C 83 -19.34 28.23 12.43
N GLN C 84 -19.41 29.52 12.78
CA GLN C 84 -19.68 30.55 11.78
C GLN C 84 -18.51 30.65 10.79
N PRO C 85 -18.79 31.10 9.57
CA PRO C 85 -17.70 31.17 8.57
C PRO C 85 -16.48 31.96 9.04
N THR C 86 -16.70 33.01 9.83
CA THR C 86 -15.63 33.80 10.41
C THR C 86 -15.01 33.18 11.67
N ALA C 87 -15.59 32.10 12.19
CA ALA C 87 -15.15 31.53 13.47
C ALA C 87 -15.46 32.45 14.64
N GLY C 88 -16.34 33.44 14.47
CA GLY C 88 -16.57 34.39 15.52
C GLY C 88 -17.09 33.77 16.81
N ASN C 89 -17.79 32.64 16.70
CA ASN C 89 -18.35 31.95 17.86
C ASN C 89 -17.49 30.77 18.31
N ALA C 90 -16.20 30.76 17.97
CA ALA C 90 -15.35 29.65 18.38
C ALA C 90 -15.34 29.51 19.89
N TYR C 91 -15.20 30.61 20.62
CA TYR C 91 -15.18 30.50 22.07
C TYR C 91 -16.50 29.94 22.59
N GLU C 92 -17.63 30.40 22.06
CA GLU C 92 -18.92 29.87 22.50
C GLU C 92 -18.98 28.36 22.29
N LEU C 93 -18.50 27.88 21.15
CA LEU C 93 -18.54 26.44 20.91
C LEU C 93 -17.65 25.71 21.90
N PHE C 94 -16.47 26.27 22.19
CA PHE C 94 -15.57 25.64 23.15
C PHE C 94 -16.24 25.54 24.52
N THR C 95 -16.88 26.62 24.95
CA THR C 95 -17.62 26.62 26.21
C THR C 95 -18.71 25.56 26.22
N LYS C 96 -19.37 25.36 25.07
CA LYS C 96 -20.49 24.42 25.05
C LYS C 96 -20.00 22.98 25.21
N ILE C 97 -18.89 22.63 24.57
CA ILE C 97 -18.37 21.27 24.75
C ILE C 97 -17.88 21.08 26.19
N ALA C 98 -17.26 22.09 26.77
CA ALA C 98 -16.82 21.98 28.16
C ALA C 98 -18.00 21.72 29.08
N SER C 99 -19.10 22.45 28.89
CA SER C 99 -20.29 22.22 29.69
C SER C 99 -20.78 20.78 29.56
N SER C 100 -20.75 20.25 28.35
CA SER C 100 -21.22 18.88 28.15
C SER C 100 -20.24 17.87 28.76
N LEU C 101 -18.94 18.11 28.62
CA LEU C 101 -17.93 17.18 29.12
C LEU C 101 -17.85 17.16 30.64
N PHE C 102 -18.01 18.32 31.29
CA PHE C 102 -17.75 18.45 32.71
C PHE C 102 -19.02 18.58 33.55
N LYS C 103 -20.20 18.49 32.94
CA LYS C 103 -21.42 18.55 33.73
C LYS C 103 -21.49 17.42 34.75
N SER C 104 -20.95 16.25 34.39
CA SER C 104 -21.00 15.10 35.27
C SER C 104 -19.74 14.95 36.12
N GLY C 105 -18.83 15.91 36.10
CA GLY C 105 -17.63 15.85 36.90
C GLY C 105 -16.40 16.03 36.05
N ILE C 106 -15.25 15.96 36.72
CA ILE C 106 -13.95 16.14 36.06
C ILE C 106 -13.18 14.82 36.12
N SER C 107 -12.54 14.47 35.02
CA SER C 107 -11.65 13.31 34.98
C SER C 107 -10.56 13.60 33.96
N TRP C 108 -9.48 12.83 34.05
CA TRP C 108 -8.39 13.02 33.09
C TRP C 108 -8.89 12.79 31.67
N GLY C 109 -9.75 11.78 31.47
CA GLY C 109 -10.26 11.50 30.13
C GLY C 109 -11.09 12.65 29.57
N ARG C 110 -11.87 13.31 30.43
CA ARG C 110 -12.62 14.47 29.99
C ARG C 110 -11.69 15.63 29.67
N VAL C 111 -10.64 15.81 30.46
CA VAL C 111 -9.65 16.82 30.13
C VAL C 111 -9.04 16.52 28.76
N VAL C 112 -8.71 15.26 28.51
CA VAL C 112 -8.12 14.91 27.21
C VAL C 112 -9.10 15.17 26.08
N ALA C 113 -10.39 14.87 26.29
CA ALA C 113 -11.38 15.14 25.26
C ALA C 113 -11.46 16.62 24.96
N LEU C 114 -11.36 17.46 26.00
CA LEU C 114 -11.39 18.89 25.79
C LEU C 114 -10.21 19.35 24.93
N LEU C 115 -9.02 18.80 25.18
N LEU C 115 -9.02 18.80 25.18
CA LEU C 115 -7.88 19.11 24.32
CA LEU C 115 -7.89 19.12 24.31
C LEU C 115 -8.14 18.65 22.90
C LEU C 115 -8.15 18.66 22.89
N GLY C 116 -8.73 17.46 22.74
CA GLY C 116 -9.04 16.96 21.41
C GLY C 116 -9.94 17.91 20.64
N PHE C 117 -10.95 18.49 21.31
CA PHE C 117 -11.79 19.46 20.61
C PHE C 117 -10.99 20.69 20.21
N GLY C 118 -10.13 21.20 21.10
CA GLY C 118 -9.27 22.31 20.71
C GLY C 118 -8.49 22.00 19.45
N TYR C 119 -7.94 20.79 19.37
CA TYR C 119 -7.23 20.37 18.16
C TYR C 119 -8.15 20.37 16.95
N ARG C 120 -9.32 19.74 17.07
CA ARG C 120 -10.23 19.66 15.92
C ARG C 120 -10.72 21.04 15.51
N LEU C 121 -10.97 21.90 16.49
CA LEU C 121 -11.40 23.26 16.19
C LEU C 121 -10.31 24.03 15.46
N ALA C 122 -9.09 24.01 16.00
CA ALA C 122 -7.99 24.73 15.35
C ALA C 122 -7.75 24.22 13.93
N LEU C 123 -7.81 22.91 13.75
CA LEU C 123 -7.58 22.36 12.42
C LEU C 123 -8.65 22.83 11.43
N TYR C 124 -9.91 22.75 11.83
CA TYR C 124 -11.03 23.09 10.96
C TYR C 124 -11.03 24.57 10.59
N VAL C 125 -10.72 25.45 11.56
CA VAL C 125 -10.60 26.88 11.26
C VAL C 125 -9.51 27.11 10.22
N TYR C 126 -8.37 26.42 10.34
CA TYR C 126 -7.31 26.54 9.35
C TYR C 126 -7.78 26.07 7.98
N GLN C 127 -8.50 24.95 7.93
CA GLN C 127 -8.97 24.44 6.65
C GLN C 127 -9.97 25.37 6.00
N ARG C 128 -10.65 26.20 6.79
CA ARG C 128 -11.54 27.20 6.24
C ARG C 128 -10.80 28.49 5.87
N GLY C 129 -9.48 28.50 5.98
CA GLY C 129 -8.69 29.61 5.48
C GLY C 129 -8.28 30.68 6.46
N LEU C 130 -8.53 30.50 7.75
CA LEU C 130 -8.12 31.47 8.76
C LEU C 130 -6.77 31.04 9.32
N THR C 131 -5.73 31.78 8.99
CA THR C 131 -4.38 31.49 9.44
C THR C 131 -4.10 32.15 10.78
N GLY C 132 -3.15 31.56 11.51
CA GLY C 132 -2.71 32.08 12.79
C GLY C 132 -3.73 32.08 13.92
N PHE C 133 -4.72 31.21 13.88
CA PHE C 133 -5.75 31.12 14.89
C PHE C 133 -5.40 30.20 16.06
N LEU C 134 -4.32 29.42 15.95
CA LEU C 134 -3.99 28.46 17.01
C LEU C 134 -3.78 29.17 18.34
N GLY C 135 -3.19 30.36 18.31
CA GLY C 135 -3.02 31.11 19.55
C GLY C 135 -4.32 31.40 20.25
N GLN C 136 -5.34 31.81 19.48
CA GLN C 136 -6.65 32.07 20.08
C GLN C 136 -7.24 30.80 20.70
N VAL C 137 -7.24 29.70 19.94
CA VAL C 137 -7.76 28.44 20.46
C VAL C 137 -7.06 28.07 21.76
N THR C 138 -5.75 28.28 21.81
CA THR C 138 -4.98 27.99 23.02
C THR C 138 -5.45 28.85 24.18
N SER C 139 -5.68 30.14 23.96
CA SER C 139 -6.19 30.98 25.03
C SER C 139 -7.59 30.56 25.46
N PHE C 140 -8.46 30.22 24.49
CA PHE C 140 -9.80 29.74 24.82
C PHE C 140 -9.72 28.55 25.76
N LEU C 141 -8.85 27.60 25.43
CA LEU C 141 -8.70 26.40 26.24
C LEU C 141 -8.23 26.73 27.65
N ALA C 142 -7.19 27.55 27.77
CA ALA C 142 -6.67 27.89 29.08
C ALA C 142 -7.72 28.62 29.90
N ASP C 143 -8.50 29.46 29.21
CA ASP C 143 -9.60 30.18 29.85
C ASP C 143 -10.60 29.20 30.45
N ILE C 144 -11.04 28.23 29.65
N ILE C 144 -11.04 28.23 29.66
CA ILE C 144 -12.01 27.25 30.14
CA ILE C 144 -12.02 27.27 30.15
C ILE C 144 -11.43 26.47 31.31
C ILE C 144 -11.43 26.46 31.32
N ILE C 145 -10.19 26.03 31.19
CA ILE C 145 -9.58 25.19 32.22
C ILE C 145 -9.45 25.97 33.53
N LEU C 146 -9.11 27.26 33.45
CA LEU C 146 -8.99 28.05 34.67
C LEU C 146 -10.36 28.33 35.29
N HIS C 147 -11.27 28.93 34.52
CA HIS C 147 -12.51 29.42 35.11
C HIS C 147 -13.42 28.31 35.60
N HIS C 148 -13.37 27.15 34.94
CA HIS C 148 -14.23 26.02 35.28
C HIS C 148 -13.62 25.11 36.35
N TYR C 149 -12.57 25.57 37.02
CA TYR C 149 -11.94 24.85 38.14
C TYR C 149 -11.28 23.55 37.70
N ILE C 150 -10.99 23.39 36.41
CA ILE C 150 -10.25 22.21 36.01
C ILE C 150 -8.79 22.33 36.43
N ALA C 151 -8.23 23.54 36.32
CA ALA C 151 -6.89 23.78 36.81
C ALA C 151 -6.80 23.43 38.28
N ARG C 152 -7.80 23.81 39.08
CA ARG C 152 -7.81 23.42 40.49
C ARG C 152 -7.86 21.91 40.64
N TRP C 153 -8.74 21.25 39.88
CA TRP C 153 -8.84 19.78 39.98
C TRP C 153 -7.51 19.13 39.68
N ILE C 154 -6.81 19.60 38.65
CA ILE C 154 -5.50 19.04 38.29
C ILE C 154 -4.48 19.31 39.39
N ALA C 155 -4.50 20.53 39.94
CA ALA C 155 -3.55 20.89 41.00
C ALA C 155 -3.71 19.96 42.19
N GLN C 156 -4.95 19.62 42.53
CA GLN C 156 -5.22 18.75 43.66
C GLN C 156 -4.70 17.34 43.43
N ARG C 157 -4.51 16.95 42.16
CA ARG C 157 -3.97 15.65 41.81
C ARG C 157 -2.48 15.67 41.51
N GLY C 158 -1.79 16.77 41.81
CA GLY C 158 -0.36 16.86 41.66
C GLY C 158 0.16 17.68 40.50
N GLY C 159 -0.71 18.40 39.78
CA GLY C 159 -0.26 19.19 38.66
C GLY C 159 -0.32 18.41 37.36
N TRP C 160 0.01 19.09 36.25
CA TRP C 160 0.00 18.42 34.95
C TRP C 160 0.90 17.19 34.95
N VAL C 161 2.00 17.20 35.71
N VAL C 161 1.99 17.21 35.73
CA VAL C 161 2.93 16.06 35.70
CA VAL C 161 2.94 16.09 35.75
C VAL C 161 2.25 14.78 36.14
C VAL C 161 2.25 14.80 36.15
N ALA C 162 1.17 14.88 36.94
CA ALA C 162 0.46 13.66 37.33
C ALA C 162 0.03 12.86 36.11
N ALA C 163 -0.20 13.54 34.98
CA ALA C 163 -0.62 12.85 33.77
C ALA C 163 0.45 11.94 33.20
N LEU C 164 1.72 12.11 33.60
CA LEU C 164 2.75 11.20 33.15
C LEU C 164 2.55 9.79 33.70
N ASN C 165 1.66 9.61 34.68
CA ASN C 165 1.47 8.28 35.24
C ASN C 165 0.63 7.38 34.34
N PHE C 166 0.01 7.91 33.28
CA PHE C 166 -0.82 7.12 32.38
C PHE C 166 -0.08 6.71 31.12
N ARG C 167 1.25 6.77 31.13
CA ARG C 167 2.04 6.40 29.95
C ARG C 167 1.78 4.95 29.53
N GLY D 1 11.41 -2.58 2.30
CA GLY D 1 10.13 -2.08 1.84
C GLY D 1 9.47 -2.96 0.79
N PRO D 2 8.24 -3.42 1.09
CA PRO D 2 7.52 -4.28 0.12
C PRO D 2 7.09 -3.58 -1.16
N LEU D 3 7.09 -2.25 -1.22
CA LEU D 3 6.60 -1.56 -2.40
C LEU D 3 7.65 -1.56 -3.51
N GLY D 4 7.20 -1.74 -4.74
CA GLY D 4 8.11 -1.59 -5.86
C GLY D 4 8.54 -0.15 -6.07
N SER D 5 9.74 0.03 -6.60
CA SER D 5 10.22 1.38 -6.87
C SER D 5 9.37 2.08 -7.91
N SER D 6 8.92 1.35 -8.94
N SER D 6 8.94 1.35 -8.95
CA SER D 6 8.09 1.98 -9.97
CA SER D 6 8.08 1.96 -9.96
C SER D 6 6.63 2.07 -9.54
C SER D 6 6.68 2.17 -9.41
N GLU D 7 6.20 1.21 -8.62
CA GLU D 7 4.90 1.37 -7.97
C GLU D 7 4.85 2.66 -7.16
N GLN D 8 5.91 2.93 -6.41
CA GLN D 8 5.98 4.16 -5.63
C GLN D 8 6.10 5.39 -6.52
N GLN D 9 6.87 5.31 -7.61
CA GLN D 9 6.98 6.45 -8.51
C GLN D 9 5.61 6.78 -9.11
N VAL D 10 4.87 5.75 -9.52
CA VAL D 10 3.55 5.98 -10.09
C VAL D 10 2.65 6.70 -9.09
N ALA D 11 2.70 6.27 -7.82
CA ALA D 11 1.92 6.96 -6.79
C ALA D 11 2.36 8.40 -6.64
N GLN D 12 3.66 8.66 -6.71
CA GLN D 12 4.15 10.04 -6.66
C GLN D 12 3.69 10.83 -7.89
N ASP D 13 3.78 10.22 -9.08
CA ASP D 13 3.41 10.90 -10.31
C ASP D 13 1.94 11.29 -10.34
N THR D 14 1.12 10.61 -9.53
CA THR D 14 -0.33 10.86 -9.50
C THR D 14 -0.64 12.32 -9.23
N GLU D 15 0.19 12.99 -8.42
CA GLU D 15 -0.11 14.37 -8.04
C GLU D 15 -0.14 15.28 -9.25
N GLU D 16 0.91 15.20 -10.08
CA GLU D 16 0.96 16.03 -11.28
C GLU D 16 -0.10 15.62 -12.29
N VAL D 17 -0.33 14.31 -12.44
CA VAL D 17 -1.37 13.86 -13.37
C VAL D 17 -2.73 14.41 -12.95
N PHE D 18 -3.06 14.28 -11.67
CA PHE D 18 -4.38 14.67 -11.21
C PHE D 18 -4.59 16.18 -11.28
N ARG D 19 -3.56 16.98 -10.95
N ARG D 19 -3.56 16.96 -10.92
CA ARG D 19 -3.74 18.42 -11.00
CA ARG D 19 -3.67 18.41 -11.00
C ARG D 19 -3.89 18.91 -12.44
C ARG D 19 -3.95 18.84 -12.44
N SER D 20 -3.23 18.23 -13.40
CA SER D 20 -3.50 18.52 -14.79
C SER D 20 -4.92 18.11 -15.16
N TYR D 21 -5.30 16.88 -14.78
CA TYR D 21 -6.67 16.42 -15.01
C TYR D 21 -7.69 17.45 -14.52
N VAL D 22 -7.52 17.93 -13.29
CA VAL D 22 -8.49 18.85 -12.72
C VAL D 22 -8.53 20.14 -13.52
N PHE D 23 -7.35 20.69 -13.85
CA PHE D 23 -7.31 21.95 -14.59
C PHE D 23 -8.05 21.84 -15.90
N TYR D 24 -7.77 20.78 -16.67
CA TYR D 24 -8.35 20.70 -18.00
C TYR D 24 -9.83 20.34 -17.93
N LEU D 25 -10.21 19.52 -16.94
CA LEU D 25 -11.63 19.23 -16.75
C LEU D 25 -12.39 20.48 -16.35
N HIS D 26 -11.79 21.32 -15.52
CA HIS D 26 -12.49 22.51 -15.06
C HIS D 26 -12.71 23.47 -16.23
N GLN D 27 -11.71 23.58 -17.11
CA GLN D 27 -11.85 24.44 -18.28
C GLN D 27 -12.90 23.89 -19.24
N GLN D 28 -12.93 22.57 -19.44
CA GLN D 28 -13.98 21.97 -20.26
C GLN D 28 -15.37 22.31 -19.71
N GLU D 29 -15.54 22.22 -18.39
CA GLU D 29 -16.81 22.59 -17.77
C GLU D 29 -17.13 24.06 -18.03
N GLN D 30 -16.11 24.93 -17.96
CA GLN D 30 -16.34 26.35 -18.22
C GLN D 30 -16.88 26.57 -19.62
N GLU D 31 -16.41 25.79 -20.60
CA GLU D 31 -16.92 25.94 -21.96
C GLU D 31 -18.38 25.53 -22.04
N THR D 32 -18.72 24.37 -21.49
CA THR D 32 -20.07 23.82 -21.67
C THR D 32 -21.10 24.54 -20.82
N GLN D 33 -20.74 24.95 -19.60
CA GLN D 33 -21.73 25.53 -18.69
C GLN D 33 -21.63 27.05 -18.56
N GLY D 34 -20.53 27.66 -19.00
CA GLY D 34 -20.46 29.12 -18.95
C GLY D 34 -20.63 29.66 -17.54
N ALA D 35 -21.44 30.72 -17.43
CA ALA D 35 -21.66 31.36 -16.15
C ALA D 35 -22.32 30.44 -15.13
N ALA D 36 -22.98 29.37 -15.57
CA ALA D 36 -23.57 28.39 -14.67
C ALA D 36 -22.56 27.41 -14.09
N ALA D 37 -21.33 27.40 -14.59
CA ALA D 37 -20.35 26.44 -14.08
C ALA D 37 -19.97 26.78 -12.65
N PRO D 38 -19.75 25.77 -11.81
CA PRO D 38 -19.34 26.02 -10.42
C PRO D 38 -18.04 26.80 -10.36
N ALA D 39 -18.07 27.95 -9.71
CA ALA D 39 -16.86 28.75 -9.59
C ALA D 39 -15.88 28.07 -8.64
N ASN D 40 -14.60 28.13 -9.00
CA ASN D 40 -13.56 27.62 -8.10
C ASN D 40 -12.20 28.15 -8.54
N PRO D 41 -11.77 29.30 -8.03
CA PRO D 41 -10.50 29.87 -8.49
C PRO D 41 -9.32 28.96 -8.30
N GLU D 42 -9.33 28.08 -7.28
N GLU D 42 -9.36 28.07 -7.30
CA GLU D 42 -8.18 27.20 -7.06
CA GLU D 42 -8.25 27.19 -7.01
C GLU D 42 -7.94 26.27 -8.25
C GLU D 42 -8.00 26.18 -8.13
N MET D 43 -8.98 25.94 -9.01
CA MET D 43 -8.79 25.06 -10.16
C MET D 43 -8.38 25.82 -11.43
N ASP D 44 -8.47 27.14 -11.44
CA ASP D 44 -8.03 27.92 -12.60
C ASP D 44 -6.52 28.08 -12.69
N ASN D 45 -5.74 27.22 -12.02
CA ASN D 45 -4.29 27.32 -11.96
C ASN D 45 -3.67 25.95 -12.17
N LEU D 46 -2.67 25.87 -13.06
CA LEU D 46 -2.04 24.61 -13.41
C LEU D 46 -0.63 24.55 -12.83
N PRO D 47 -0.47 24.14 -11.57
CA PRO D 47 0.87 24.07 -10.98
C PRO D 47 1.71 22.97 -11.60
N LEU D 48 1.99 23.11 -12.89
CA LEU D 48 2.93 22.22 -13.57
C LEU D 48 3.09 22.61 -15.03
N GLU D 49 3.94 21.88 -15.74
CA GLU D 49 4.26 22.21 -17.11
C GLU D 49 3.26 21.58 -18.06
N PRO D 50 2.56 22.38 -18.88
CA PRO D 50 1.62 21.79 -19.87
C PRO D 50 2.28 20.80 -20.81
N ASN D 51 3.56 20.96 -21.12
CA ASN D 51 4.22 20.03 -22.02
C ASN D 51 5.03 18.99 -21.28
N SER D 52 4.81 18.81 -19.98
CA SER D 52 5.39 17.68 -19.30
C SER D 52 4.61 16.42 -19.69
N ILE D 53 5.28 15.27 -19.60
CA ILE D 53 4.62 14.01 -19.95
C ILE D 53 3.41 13.79 -19.05
N LEU D 54 3.58 13.97 -17.74
CA LEU D 54 2.47 13.77 -16.81
C LEU D 54 1.37 14.80 -17.01
N GLY D 55 1.74 16.03 -17.36
CA GLY D 55 0.74 17.03 -17.71
C GLY D 55 -0.09 16.62 -18.91
N GLN D 56 0.60 16.12 -19.96
CA GLN D 56 -0.10 15.61 -21.12
C GLN D 56 -1.02 14.44 -20.76
N VAL D 57 -0.59 13.58 -19.84
CA VAL D 57 -1.45 12.47 -19.47
C VAL D 57 -2.72 12.98 -18.82
N GLY D 58 -2.57 13.86 -17.84
CA GLY D 58 -3.73 14.45 -17.19
C GLY D 58 -4.66 15.12 -18.18
N ARG D 59 -4.10 15.80 -19.18
CA ARG D 59 -4.94 16.49 -20.15
C ARG D 59 -5.69 15.48 -21.01
N GLN D 60 -5.00 14.41 -21.41
CA GLN D 60 -5.65 13.37 -22.19
C GLN D 60 -6.75 12.71 -21.37
N LEU D 61 -6.46 12.36 -20.12
CA LEU D 61 -7.46 11.71 -19.28
C LEU D 61 -8.66 12.63 -19.03
N ALA D 62 -8.44 13.94 -18.94
CA ALA D 62 -9.57 14.85 -18.81
C ALA D 62 -10.45 14.81 -20.04
N LEU D 63 -9.85 14.75 -21.24
CA LEU D 63 -10.65 14.65 -22.46
C LEU D 63 -11.48 13.37 -22.45
N ILE D 64 -10.88 12.26 -22.07
CA ILE D 64 -11.62 11.00 -21.98
C ILE D 64 -12.62 11.06 -20.82
N GLY D 65 -12.22 11.70 -19.71
CA GLY D 65 -13.05 11.72 -18.53
C GLY D 65 -14.41 12.37 -18.77
N ASP D 66 -14.47 13.35 -19.68
CA ASP D 66 -15.76 13.95 -20.03
C ASP D 66 -16.80 12.88 -20.38
N ASP D 67 -16.41 11.86 -21.16
CA ASP D 67 -17.37 10.84 -21.56
C ASP D 67 -17.58 9.79 -20.47
N ILE D 68 -16.50 9.31 -19.84
N ILE D 68 -16.49 9.34 -19.85
CA ILE D 68 -16.69 8.28 -18.82
CA ILE D 68 -16.60 8.32 -18.80
C ILE D 68 -17.44 8.85 -17.62
C ILE D 68 -17.39 8.85 -17.62
N ASN D 69 -17.20 10.13 -17.28
CA ASN D 69 -17.90 10.70 -16.13
C ASN D 69 -19.40 10.75 -16.32
N ARG D 70 -19.89 10.70 -17.57
CA ARG D 70 -21.33 10.56 -17.81
C ARG D 70 -21.86 9.27 -17.20
N ARG D 71 -21.17 8.15 -17.46
CA ARG D 71 -21.65 6.84 -17.04
C ARG D 71 -21.70 6.68 -15.52
N TYR D 72 -20.91 7.45 -14.79
CA TYR D 72 -20.81 7.32 -13.33
C TYR D 72 -21.46 8.47 -12.57
N ASP D 73 -22.09 9.42 -13.26
CA ASP D 73 -22.52 10.65 -12.60
C ASP D 73 -23.46 10.37 -11.43
N THR D 74 -24.50 9.56 -11.64
CA THR D 74 -25.47 9.33 -10.58
C THR D 74 -24.85 8.63 -9.38
N GLU D 75 -24.03 7.60 -9.61
CA GLU D 75 -23.42 6.88 -8.50
C GLU D 75 -22.56 7.80 -7.64
N PHE D 76 -21.79 8.69 -8.28
CA PHE D 76 -20.92 9.59 -7.53
C PHE D 76 -21.72 10.60 -6.71
N GLN D 77 -22.77 11.21 -7.30
CA GLN D 77 -23.54 12.20 -6.55
C GLN D 77 -24.20 11.58 -5.33
N ASN D 78 -24.81 10.40 -5.50
CA ASN D 78 -25.42 9.70 -4.38
C ASN D 78 -24.42 9.50 -3.24
N LEU D 79 -23.16 9.18 -3.55
CA LEU D 79 -22.18 9.02 -2.49
C LEU D 79 -21.77 10.36 -1.87
N LEU D 80 -21.59 11.40 -2.70
CA LEU D 80 -21.14 12.68 -2.20
C LEU D 80 -22.14 13.37 -1.29
N GLU D 81 -23.42 13.02 -1.38
CA GLU D 81 -24.40 13.58 -0.45
C GLU D 81 -24.07 13.25 0.98
N GLN D 82 -23.28 12.21 1.21
CA GLN D 82 -22.86 11.81 2.55
C GLN D 82 -21.67 12.61 3.06
N LEU D 83 -21.12 13.52 2.26
CA LEU D 83 -19.98 14.31 2.71
C LEU D 83 -20.43 15.24 3.82
N GLN D 84 -19.76 15.15 4.97
CA GLN D 84 -20.15 15.94 6.13
C GLN D 84 -19.99 17.43 5.85
N PRO D 85 -20.76 18.29 6.52
CA PRO D 85 -20.59 19.74 6.28
C PRO D 85 -19.17 20.20 6.50
N THR D 86 -18.44 19.55 7.42
CA THR D 86 -17.03 19.82 7.66
C THR D 86 -16.11 19.11 6.67
N ALA D 87 -16.64 18.19 5.87
CA ALA D 87 -15.84 17.38 4.97
C ALA D 87 -14.90 16.43 5.70
N GLY D 88 -15.18 16.15 6.98
CA GLY D 88 -14.28 15.33 7.78
C GLY D 88 -14.13 13.89 7.31
N ASN D 89 -15.15 13.36 6.64
CA ASN D 89 -15.14 11.99 6.14
C ASN D 89 -14.77 11.91 4.65
N ALA D 90 -14.08 12.93 4.13
CA ALA D 90 -13.75 12.93 2.71
C ALA D 90 -12.94 11.69 2.33
N TYR D 91 -11.91 11.36 3.11
CA TYR D 91 -11.10 10.20 2.74
C TYR D 91 -11.95 8.93 2.75
N GLU D 92 -12.81 8.79 3.76
CA GLU D 92 -13.65 7.59 3.88
C GLU D 92 -14.49 7.39 2.63
N LEU D 93 -15.12 8.45 2.13
CA LEU D 93 -15.90 8.29 0.90
C LEU D 93 -15.02 7.96 -0.29
N PHE D 94 -13.85 8.60 -0.38
CA PHE D 94 -12.92 8.36 -1.48
C PHE D 94 -12.49 6.89 -1.53
N THR D 95 -12.14 6.32 -0.38
CA THR D 95 -11.70 4.93 -0.38
C THR D 95 -12.88 3.97 -0.53
N LYS D 96 -14.09 4.40 -0.15
CA LYS D 96 -15.27 3.60 -0.41
C LYS D 96 -15.54 3.48 -1.91
N ILE D 97 -15.51 4.61 -2.63
CA ILE D 97 -15.76 4.53 -4.07
C ILE D 97 -14.64 3.78 -4.77
N ALA D 98 -13.41 3.90 -4.28
CA ALA D 98 -12.31 3.13 -4.85
C ALA D 98 -12.54 1.63 -4.68
N SER D 99 -12.92 1.21 -3.47
CA SER D 99 -13.21 -0.21 -3.25
C SER D 99 -14.31 -0.68 -4.19
N SER D 100 -15.31 0.16 -4.42
CA SER D 100 -16.44 -0.18 -5.28
C SER D 100 -16.04 -0.20 -6.76
N LEU D 101 -15.22 0.75 -7.20
CA LEU D 101 -14.83 0.83 -8.61
C LEU D 101 -13.96 -0.35 -9.04
N PHE D 102 -13.08 -0.82 -8.16
CA PHE D 102 -12.10 -1.82 -8.55
C PHE D 102 -12.39 -3.20 -7.98
N LYS D 103 -13.61 -3.41 -7.50
CA LYS D 103 -13.94 -4.69 -6.88
C LYS D 103 -13.78 -5.85 -7.86
N SER D 104 -14.15 -5.65 -9.12
CA SER D 104 -14.06 -6.70 -10.12
C SER D 104 -12.82 -6.59 -10.99
N GLY D 105 -11.87 -5.74 -10.62
CA GLY D 105 -10.62 -5.60 -11.34
C GLY D 105 -10.32 -4.15 -11.68
N ILE D 106 -9.16 -3.94 -12.27
CA ILE D 106 -8.65 -2.62 -12.61
C ILE D 106 -8.64 -2.43 -14.13
N SER D 107 -8.99 -1.23 -14.57
CA SER D 107 -8.89 -0.85 -15.98
C SER D 107 -8.64 0.66 -16.05
N TRP D 108 -8.16 1.12 -17.21
CA TRP D 108 -7.94 2.56 -17.37
C TRP D 108 -9.23 3.36 -17.20
N GLY D 109 -10.34 2.84 -17.73
CA GLY D 109 -11.59 3.58 -17.61
C GLY D 109 -12.00 3.76 -16.16
N ARG D 110 -11.77 2.74 -15.34
CA ARG D 110 -12.08 2.84 -13.92
C ARG D 110 -11.11 3.79 -13.22
N VAL D 111 -9.84 3.79 -13.65
CA VAL D 111 -8.89 4.77 -13.12
C VAL D 111 -9.37 6.18 -13.46
N VAL D 112 -9.80 6.39 -14.70
CA VAL D 112 -10.31 7.71 -15.09
C VAL D 112 -11.55 8.06 -14.27
N ALA D 113 -12.37 7.06 -13.99
CA ALA D 113 -13.55 7.30 -13.16
C ALA D 113 -13.16 7.76 -11.77
N LEU D 114 -12.11 7.13 -11.20
CA LEU D 114 -11.62 7.49 -9.88
C LEU D 114 -11.10 8.92 -9.85
N LEU D 115 -10.41 9.34 -10.91
CA LEU D 115 -9.99 10.73 -11.00
C LEU D 115 -11.19 11.65 -11.03
N GLY D 116 -12.24 11.25 -11.77
CA GLY D 116 -13.44 12.06 -11.83
C GLY D 116 -14.08 12.24 -10.47
N PHE D 117 -14.06 11.21 -9.63
CA PHE D 117 -14.61 11.36 -8.29
C PHE D 117 -13.77 12.35 -7.48
N GLY D 118 -12.45 12.25 -7.58
CA GLY D 118 -11.58 13.20 -6.91
C GLY D 118 -11.91 14.63 -7.30
N TYR D 119 -12.13 14.86 -8.59
CA TYR D 119 -12.51 16.19 -9.05
C TYR D 119 -13.81 16.64 -8.38
N ARG D 120 -14.85 15.81 -8.45
CA ARG D 120 -16.13 16.15 -7.84
C ARG D 120 -15.98 16.42 -6.35
N LEU D 121 -15.32 15.50 -5.64
CA LEU D 121 -15.08 15.66 -4.21
C LEU D 121 -14.42 17.01 -3.91
N ALA D 122 -13.39 17.36 -4.68
CA ALA D 122 -12.73 18.65 -4.49
C ALA D 122 -13.72 19.81 -4.66
N LEU D 123 -14.58 19.72 -5.67
CA LEU D 123 -15.57 20.76 -5.90
C LEU D 123 -16.55 20.88 -4.73
N TYR D 124 -17.05 19.73 -4.26
CA TYR D 124 -17.96 19.71 -3.12
C TYR D 124 -17.29 20.30 -1.87
N VAL D 125 -16.03 19.95 -1.64
CA VAL D 125 -15.35 20.46 -0.44
C VAL D 125 -15.18 21.96 -0.52
N TYR D 126 -14.75 22.46 -1.68
CA TYR D 126 -14.68 23.91 -1.85
C TYR D 126 -16.03 24.55 -1.57
N GLN D 127 -17.12 23.91 -2.03
CA GLN D 127 -18.44 24.48 -1.82
C GLN D 127 -18.83 24.53 -0.35
N ARG D 128 -18.27 23.66 0.49
CA ARG D 128 -18.53 23.69 1.92
C ARG D 128 -17.64 24.67 2.67
N GLY D 129 -16.82 25.43 1.95
CA GLY D 129 -16.04 26.50 2.54
C GLY D 129 -14.61 26.15 2.86
N LEU D 130 -14.16 24.94 2.57
CA LEU D 130 -12.77 24.61 2.76
C LEU D 130 -11.98 25.07 1.53
N THR D 131 -11.03 25.96 1.75
CA THR D 131 -10.22 26.51 0.67
C THR D 131 -8.82 25.89 0.71
N GLY D 132 -8.17 25.89 -0.45
CA GLY D 132 -6.85 25.29 -0.50
C GLY D 132 -6.84 23.82 -0.16
N PHE D 133 -7.95 23.12 -0.39
CA PHE D 133 -8.07 21.70 -0.09
C PHE D 133 -7.71 20.81 -1.27
N LEU D 134 -7.51 21.38 -2.46
CA LEU D 134 -7.24 20.54 -3.62
C LEU D 134 -5.97 19.70 -3.42
N GLY D 135 -4.95 20.27 -2.80
CA GLY D 135 -3.77 19.48 -2.50
C GLY D 135 -4.07 18.31 -1.59
N GLN D 136 -4.94 18.52 -0.62
CA GLN D 136 -5.32 17.43 0.29
C GLN D 136 -6.03 16.32 -0.45
N VAL D 137 -6.96 16.68 -1.35
CA VAL D 137 -7.63 15.69 -2.18
C VAL D 137 -6.61 14.95 -3.05
N THR D 138 -5.65 15.68 -3.62
CA THR D 138 -4.62 15.05 -4.43
C THR D 138 -3.85 14.01 -3.62
N SER D 139 -3.49 14.36 -2.38
CA SER D 139 -2.82 13.41 -1.49
C SER D 139 -3.70 12.21 -1.19
N PHE D 140 -5.00 12.45 -0.91
CA PHE D 140 -5.91 11.33 -0.69
C PHE D 140 -5.85 10.37 -1.86
N LEU D 141 -5.97 10.91 -3.07
CA LEU D 141 -5.99 10.09 -4.28
C LEU D 141 -4.72 9.27 -4.41
N ALA D 142 -3.56 9.88 -4.18
CA ALA D 142 -2.32 9.12 -4.32
C ALA D 142 -2.25 8.01 -3.30
N ASP D 143 -2.69 8.29 -2.06
CA ASP D 143 -2.72 7.27 -1.01
C ASP D 143 -3.66 6.14 -1.41
N ILE D 144 -4.83 6.47 -1.99
CA ILE D 144 -5.79 5.45 -2.41
C ILE D 144 -5.23 4.63 -3.57
N ILE D 145 -4.64 5.29 -4.58
CA ILE D 145 -4.08 4.56 -5.73
C ILE D 145 -2.99 3.58 -5.29
N LEU D 146 -2.15 3.99 -4.33
N LEU D 146 -2.14 3.99 -4.36
CA LEU D 146 -1.11 3.09 -3.83
CA LEU D 146 -1.12 3.08 -3.83
C LEU D 146 -1.71 1.87 -3.14
C LEU D 146 -1.76 1.87 -3.17
N HIS D 147 -2.57 2.09 -2.14
CA HIS D 147 -3.08 0.99 -1.35
C HIS D 147 -3.97 0.05 -2.13
N HIS D 148 -4.76 0.56 -3.07
CA HIS D 148 -5.68 -0.30 -3.80
C HIS D 148 -5.02 -0.97 -4.99
N TYR D 149 -3.69 -1.02 -5.02
CA TYR D 149 -2.90 -1.70 -6.05
C TYR D 149 -3.01 -1.02 -7.40
N ILE D 150 -3.53 0.20 -7.46
CA ILE D 150 -3.65 0.87 -8.75
C ILE D 150 -2.28 1.35 -9.22
N ALA D 151 -1.46 1.86 -8.30
CA ALA D 151 -0.12 2.26 -8.73
C ALA D 151 0.65 1.07 -9.28
N ARG D 152 0.51 -0.09 -8.64
CA ARG D 152 1.18 -1.27 -9.16
C ARG D 152 0.68 -1.64 -10.55
N TRP D 153 -0.65 -1.65 -10.73
CA TRP D 153 -1.23 -1.96 -12.04
C TRP D 153 -0.74 -0.99 -13.11
N ILE D 154 -0.74 0.31 -12.80
CA ILE D 154 -0.28 1.29 -13.76
C ILE D 154 1.20 1.08 -14.04
N ALA D 155 1.99 0.82 -13.00
CA ALA D 155 3.41 0.59 -13.21
C ALA D 155 3.64 -0.60 -14.13
N GLN D 156 2.81 -1.63 -13.99
CA GLN D 156 2.93 -2.81 -14.82
C GLN D 156 2.51 -2.55 -16.27
N ARG D 157 1.74 -1.48 -16.51
CA ARG D 157 1.36 -1.15 -17.87
C ARG D 157 2.40 -0.23 -18.50
N GLY D 158 3.45 0.10 -17.78
CA GLY D 158 4.48 1.01 -18.26
C GLY D 158 4.46 2.41 -17.66
N GLY D 159 3.63 2.68 -16.65
CA GLY D 159 3.55 3.98 -16.02
C GLY D 159 2.39 4.81 -16.58
N TRP D 160 2.20 6.00 -15.98
CA TRP D 160 1.12 6.87 -16.43
C TRP D 160 1.20 7.18 -17.92
N VAL D 161 2.40 7.30 -18.48
CA VAL D 161 2.52 7.59 -19.91
C VAL D 161 1.79 6.56 -20.75
N ALA D 162 1.58 5.35 -20.20
CA ALA D 162 0.90 4.30 -20.96
C ALA D 162 -0.53 4.67 -21.28
N ALA D 163 -1.14 5.55 -20.48
CA ALA D 163 -2.51 5.99 -20.74
C ALA D 163 -2.61 6.88 -21.97
N LEU D 164 -1.49 7.40 -22.48
CA LEU D 164 -1.52 8.25 -23.67
C LEU D 164 -1.97 7.52 -24.92
N ASN D 165 -1.90 6.19 -24.95
CA ASN D 165 -2.35 5.39 -26.09
C ASN D 165 -3.46 4.43 -25.69
N PHE D 166 -4.10 4.69 -24.55
CA PHE D 166 -5.27 3.96 -24.06
C PHE D 166 -6.21 3.52 -25.19
C FMT E . 4.82 -8.59 -31.09
O1 FMT E . 5.50 -8.28 -32.07
O2 FMT E . 5.02 -9.59 -30.40
C FMT F . 6.48 -13.17 -19.30
O1 FMT F . 7.14 -14.13 -19.68
O2 FMT F . 5.95 -13.07 -18.19
C FMT G . 3.23 -5.44 -29.54
O1 FMT G . 3.31 -5.61 -30.76
O2 FMT G . 4.07 -4.82 -28.87
C1 EDO H . 20.65 -29.38 -25.25
O1 EDO H . 21.70 -28.51 -25.69
C2 EDO H . 21.21 -30.78 -24.95
O2 EDO H . 20.16 -31.67 -24.53
H11 EDO H . 20.18 -28.98 -24.35
H12 EDO H . 19.88 -29.46 -26.02
HO1 EDO H . 21.33 -27.61 -25.81
H21 EDO H . 21.70 -31.17 -25.85
H22 EDO H . 21.97 -30.71 -24.17
HO2 EDO H . 20.54 -32.55 -24.36
C FMT I . -3.42 -21.14 13.32
O1 FMT I . -3.95 -20.25 12.66
O2 FMT I . -3.98 -22.21 13.57
C FMT J . -7.42 2.09 9.17
O1 FMT J . -7.03 1.43 8.22
O2 FMT J . -7.20 3.30 9.30
C FMT K . 11.35 -13.49 16.05
O1 FMT K . 11.71 -13.77 14.90
O2 FMT K . 12.07 -12.85 16.82
H FMT K . 10.36 -13.77 16.40
HO2 FMT K . 12.92 -12.48 16.51
C FMT L . -1.97 -5.42 -10.21
O1 FMT L . -2.63 -4.84 -9.35
O2 FMT L . -1.12 -6.28 -9.94
#